data_2A9W
#
_entry.id   2A9W
#
_cell.length_a   186.600
_cell.length_b   186.600
_cell.length_c   114.200
_cell.angle_alpha   90.00
_cell.angle_beta   90.00
_cell.angle_gamma   120.00
#
_symmetry.space_group_name_H-M   'H 3'
#
loop_
_entity.id
_entity.type
_entity.pdbx_description
1 polymer 'Thymidylate synthase'
2 non-polymer 'PHOSPHATE ION'
3 non-polymer "2'-DEOXYURIDINE 5'-MONOPHOSPHATE"
4 non-polymer 3,3-BIS(3-BROMO-4-HYDROXYPHENYL)-7-CHLORO-1H,3H-BENZO[DE]ISOCHROMEN-1-ONE
5 non-polymer BETA-MERCAPTOETHANOL
6 non-polymer GLYCEROL
7 non-polymer 2-BROMOPHENOL
8 water water
#
_entity_poly.entity_id   1
_entity_poly.type   'polypeptide(L)'
_entity_poly.pdbx_seq_one_letter_code
;(CXM)KQYLELMQKVLDEGTQKNDRTGTGTLSIFGHQMRFNLQDGFPLVTTKRCHLRSIIHELLWFLQGDTNIAYLHENN
VTIWDEWADENGDLGPVYGKQWRAWPTPDGRHIDQITTVLNQLKNDPDSRRIIVSAWNVGELDKMALAPCHAFFQFYVAD
GKLSCQLYQRSCDVFLGLPFNIASYALLVHMMAQQCDLEVGDFVWTGGDTHLYSNHMDQTHLQLSREPRPLPKLIIKRKP
ESIFDYRFEDFEIEGYDPHPGIKAPVAI
;
_entity_poly.pdbx_strand_id   A,B,C,D
#
# COMPACT_ATOMS: atom_id res chain seq x y z
N LYS A 2 7.82 -44.15 -27.72
CA LYS A 2 6.61 -43.40 -27.99
C LYS A 2 6.73 -41.91 -27.64
N GLN A 3 7.18 -41.60 -26.42
CA GLN A 3 7.31 -40.21 -25.99
C GLN A 3 8.27 -39.44 -26.88
N TYR A 4 9.39 -40.07 -27.22
CA TYR A 4 10.41 -39.46 -28.05
C TYR A 4 9.90 -39.17 -29.47
N LEU A 5 9.24 -40.14 -30.08
CA LEU A 5 8.72 -39.94 -31.44
C LEU A 5 7.65 -38.86 -31.45
N GLU A 6 6.86 -38.79 -30.38
CA GLU A 6 5.82 -37.78 -30.29
C GLU A 6 6.42 -36.38 -30.25
N LEU A 7 7.54 -36.23 -29.56
CA LEU A 7 8.20 -34.92 -29.46
C LEU A 7 8.79 -34.56 -30.83
N MET A 8 9.41 -35.53 -31.47
CA MET A 8 10.01 -35.34 -32.78
C MET A 8 8.94 -34.86 -33.76
N GLN A 9 7.77 -35.49 -33.72
CA GLN A 9 6.65 -35.11 -34.59
C GLN A 9 6.15 -33.73 -34.25
N LYS A 10 6.17 -33.39 -32.95
CA LYS A 10 5.72 -32.09 -32.48
C LYS A 10 6.60 -30.98 -33.06
N VAL A 11 7.92 -31.18 -33.01
CA VAL A 11 8.84 -30.19 -33.55
C VAL A 11 8.56 -29.97 -35.03
N LEU A 12 8.30 -31.06 -35.75
CA LEU A 12 8.00 -30.98 -37.18
C LEU A 12 6.72 -30.22 -37.47
N ASP A 13 5.67 -30.52 -36.72
CA ASP A 13 4.37 -29.88 -36.94
C ASP A 13 4.23 -28.47 -36.39
N GLU A 14 4.81 -28.21 -35.23
CA GLU A 14 4.67 -26.91 -34.60
C GLU A 14 5.94 -26.06 -34.52
N GLY A 15 7.08 -26.66 -34.82
CA GLY A 15 8.33 -25.91 -34.75
C GLY A 15 8.38 -24.68 -35.62
N THR A 16 9.11 -23.67 -35.16
CA THR A 16 9.29 -22.42 -35.89
C THR A 16 10.67 -22.41 -36.51
N GLN A 17 10.78 -21.89 -37.72
CA GLN A 17 12.07 -21.80 -38.40
C GLN A 17 12.94 -20.80 -37.64
N LYS A 18 13.98 -21.32 -37.00
CA LYS A 18 14.86 -20.48 -36.20
C LYS A 18 16.32 -20.82 -36.48
N ASN A 19 17.15 -19.79 -36.59
CA ASN A 19 18.58 -20.00 -36.85
C ASN A 19 19.31 -20.20 -35.53
N ASP A 20 20.48 -20.81 -35.59
CA ASP A 20 21.27 -21.07 -34.39
C ASP A 20 22.64 -20.42 -34.48
N ARG A 21 23.50 -20.76 -33.52
CA ARG A 21 24.87 -20.24 -33.45
C ARG A 21 25.42 -20.07 -34.86
N THR A 22 25.26 -18.87 -35.42
CA THR A 22 25.72 -18.57 -36.77
C THR A 22 25.97 -19.85 -37.55
N GLY A 23 24.88 -20.49 -37.97
CA GLY A 23 25.04 -21.72 -38.71
C GLY A 23 23.76 -22.35 -39.23
N THR A 24 23.67 -23.66 -39.04
CA THR A 24 22.54 -24.45 -39.52
C THR A 24 21.19 -24.04 -38.94
N GLY A 25 20.22 -23.84 -39.84
CA GLY A 25 18.89 -23.46 -39.41
C GLY A 25 18.25 -24.59 -38.66
N THR A 26 17.20 -24.26 -37.90
CA THR A 26 16.50 -25.28 -37.13
C THR A 26 15.01 -25.03 -37.09
N LEU A 27 14.29 -26.04 -36.62
CA LEU A 27 12.85 -25.97 -36.41
C LEU A 27 12.85 -26.12 -34.89
N SER A 28 12.24 -25.19 -34.19
CA SER A 28 12.25 -25.31 -32.74
C SER A 28 10.95 -24.97 -32.03
N ILE A 29 10.79 -25.57 -30.86
CA ILE A 29 9.65 -25.29 -30.00
C ILE A 29 10.27 -24.95 -28.66
N PHE A 30 9.51 -24.30 -27.80
CA PHE A 30 10.04 -23.93 -26.49
C PHE A 30 9.17 -24.49 -25.39
N GLY A 31 9.79 -25.23 -24.48
CA GLY A 31 9.05 -25.80 -23.37
C GLY A 31 8.26 -27.04 -23.70
N HIS A 32 8.75 -28.18 -23.24
N HIS A 32 8.77 -28.18 -23.25
CA HIS A 32 8.06 -29.44 -23.43
CA HIS A 32 8.11 -29.45 -23.46
C HIS A 32 8.56 -30.43 -22.41
C HIS A 32 8.53 -30.36 -22.32
N GLN A 33 7.71 -31.38 -22.06
CA GLN A 33 8.04 -32.33 -21.01
C GLN A 33 7.59 -33.76 -21.32
N MET A 34 8.47 -34.70 -21.00
CA MET A 34 8.20 -36.11 -21.22
C MET A 34 8.43 -36.86 -19.93
N ARG A 35 7.68 -37.94 -19.72
CA ARG A 35 7.81 -38.74 -18.52
C ARG A 35 8.10 -40.20 -18.88
N PHE A 36 9.10 -40.77 -18.23
CA PHE A 36 9.48 -42.16 -18.44
C PHE A 36 9.38 -42.95 -17.14
N ASN A 37 8.43 -43.88 -17.08
CA ASN A 37 8.30 -44.71 -15.90
C ASN A 37 9.41 -45.74 -16.04
N LEU A 38 10.47 -45.58 -15.25
CA LEU A 38 11.62 -46.47 -15.33
C LEU A 38 11.27 -47.92 -15.00
N GLN A 39 10.07 -48.12 -14.45
CA GLN A 39 9.60 -49.46 -14.09
C GLN A 39 9.16 -50.19 -15.37
N ASP A 40 8.90 -49.43 -16.43
CA ASP A 40 8.48 -50.01 -17.70
C ASP A 40 9.65 -50.45 -18.57
N GLY A 41 10.87 -50.20 -18.10
CA GLY A 41 12.04 -50.57 -18.86
C GLY A 41 12.98 -49.40 -19.03
N PHE A 42 14.25 -49.68 -19.34
CA PHE A 42 15.25 -48.64 -19.51
C PHE A 42 15.00 -47.86 -20.81
N PRO A 43 14.83 -46.54 -20.71
CA PRO A 43 14.56 -45.67 -21.86
C PRO A 43 15.70 -45.44 -22.85
N LEU A 44 16.09 -46.50 -23.56
CA LEU A 44 17.12 -46.40 -24.58
C LEU A 44 16.36 -46.54 -25.90
N VAL A 45 16.41 -45.48 -26.73
N VAL A 45 16.40 -45.48 -26.71
CA VAL A 45 15.73 -45.46 -28.02
CA VAL A 45 15.69 -45.47 -28.00
C VAL A 45 15.88 -46.76 -28.81
C VAL A 45 15.87 -46.77 -28.79
N THR A 46 14.78 -47.25 -29.37
CA THR A 46 14.80 -48.48 -30.15
C THR A 46 14.56 -48.25 -31.64
N THR A 47 14.12 -47.05 -32.01
CA THR A 47 13.87 -46.75 -33.41
C THR A 47 15.14 -46.43 -34.19
N LYS A 48 16.27 -46.57 -33.49
CA LYS A 48 17.60 -46.39 -34.07
C LYS A 48 18.56 -46.92 -33.01
N ARG A 49 19.65 -47.56 -33.45
CA ARG A 49 20.60 -48.13 -32.49
C ARG A 49 21.43 -47.08 -31.76
N CYS A 50 21.47 -47.21 -30.44
N CYS A 50 21.46 -47.19 -30.43
CA CYS A 50 22.23 -46.31 -29.59
CA CYS A 50 22.21 -46.27 -29.57
C CYS A 50 23.21 -47.10 -28.74
C CYS A 50 23.20 -47.06 -28.71
N HIS A 51 24.45 -46.61 -28.67
CA HIS A 51 25.49 -47.27 -27.88
C HIS A 51 25.63 -46.59 -26.52
N LEU A 52 25.69 -47.39 -25.47
CA LEU A 52 25.80 -46.87 -24.11
C LEU A 52 27.22 -46.75 -23.56
N ARG A 53 28.19 -47.30 -24.29
N ARG A 53 28.20 -47.28 -24.29
CA ARG A 53 29.58 -47.25 -23.84
CA ARG A 53 29.58 -47.24 -23.85
C ARG A 53 30.05 -45.85 -23.42
C ARG A 53 30.05 -45.85 -23.43
N SER A 54 29.93 -44.88 -24.33
CA SER A 54 30.36 -43.52 -24.03
C SER A 54 29.49 -42.86 -22.95
N ILE A 55 28.20 -43.17 -22.97
CA ILE A 55 27.27 -42.62 -22.00
C ILE A 55 27.67 -43.04 -20.58
N ILE A 56 27.98 -44.32 -20.41
CA ILE A 56 28.38 -44.83 -19.11
C ILE A 56 29.70 -44.21 -18.65
N HIS A 57 30.70 -44.22 -19.52
CA HIS A 57 31.99 -43.65 -19.15
C HIS A 57 31.85 -42.17 -18.80
N GLU A 58 31.04 -41.44 -19.55
CA GLU A 58 30.88 -40.01 -19.27
C GLU A 58 30.25 -39.79 -17.90
N LEU A 59 29.23 -40.56 -17.56
CA LEU A 59 28.57 -40.41 -16.26
C LEU A 59 29.54 -40.70 -15.12
N LEU A 60 30.31 -41.78 -15.23
CA LEU A 60 31.27 -42.11 -14.19
C LEU A 60 32.27 -40.95 -14.05
N TRP A 61 32.63 -40.37 -15.19
CA TRP A 61 33.56 -39.25 -15.24
C TRP A 61 32.94 -38.02 -14.54
N PHE A 62 31.67 -37.76 -14.82
CA PHE A 62 30.98 -36.63 -14.18
C PHE A 62 31.04 -36.82 -12.66
N LEU A 63 30.68 -38.01 -12.20
CA LEU A 63 30.65 -38.29 -10.77
C LEU A 63 31.98 -38.14 -10.06
N GLN A 64 33.07 -38.32 -10.79
CA GLN A 64 34.40 -38.18 -10.18
C GLN A 64 34.81 -36.72 -10.04
N GLY A 65 34.08 -35.84 -10.71
CA GLY A 65 34.34 -34.41 -10.62
C GLY A 65 35.57 -33.83 -11.30
N ASP A 66 36.39 -34.66 -11.94
CA ASP A 66 37.57 -34.14 -12.62
C ASP A 66 37.15 -33.83 -14.05
N THR A 67 37.40 -32.60 -14.50
CA THR A 67 37.01 -32.18 -15.84
C THR A 67 38.06 -32.30 -16.93
N ASN A 68 39.17 -32.97 -16.63
CA ASN A 68 40.20 -33.17 -17.65
C ASN A 68 39.73 -34.44 -18.34
N ILE A 69 39.92 -34.52 -19.65
CA ILE A 69 39.47 -35.68 -20.41
C ILE A 69 40.37 -36.92 -20.35
N ALA A 70 41.42 -36.87 -19.54
CA ALA A 70 42.35 -38.00 -19.43
C ALA A 70 41.63 -39.34 -19.25
N TYR A 71 40.73 -39.43 -18.27
CA TYR A 71 40.00 -40.66 -18.03
C TYR A 71 39.23 -41.11 -19.27
N LEU A 72 38.60 -40.17 -19.96
CA LEU A 72 37.84 -40.51 -21.14
C LEU A 72 38.78 -41.07 -22.21
N HIS A 73 39.94 -40.43 -22.35
CA HIS A 73 40.94 -40.88 -23.33
C HIS A 73 41.51 -42.26 -23.00
N GLU A 74 41.71 -42.53 -21.72
CA GLU A 74 42.24 -43.82 -21.29
C GLU A 74 41.31 -44.95 -21.74
N ASN A 75 40.02 -44.61 -21.93
CA ASN A 75 39.04 -45.59 -22.34
C ASN A 75 38.56 -45.33 -23.77
N ASN A 76 39.35 -44.57 -24.52
CA ASN A 76 39.04 -44.22 -25.91
C ASN A 76 37.62 -43.68 -26.08
N VAL A 77 37.24 -42.74 -25.21
CA VAL A 77 35.93 -42.09 -25.31
C VAL A 77 36.32 -40.70 -25.82
N THR A 78 35.83 -40.34 -27.01
CA THR A 78 36.22 -39.10 -27.65
C THR A 78 35.18 -37.99 -27.78
N ILE A 79 34.03 -38.15 -27.13
CA ILE A 79 32.95 -37.17 -27.23
C ILE A 79 33.24 -35.75 -26.74
N TRP A 80 34.27 -35.58 -25.92
CA TRP A 80 34.60 -34.24 -25.42
C TRP A 80 35.86 -33.67 -26.05
N ASP A 81 36.44 -34.42 -26.99
CA ASP A 81 37.67 -34.00 -27.67
C ASP A 81 37.63 -32.63 -28.33
N GLU A 82 36.55 -32.32 -29.03
CA GLU A 82 36.47 -31.06 -29.74
C GLU A 82 36.42 -29.81 -28.86
N TRP A 83 36.07 -29.98 -27.60
N TRP A 83 36.08 -29.98 -27.60
CA TRP A 83 36.00 -28.83 -26.69
CA TRP A 83 35.98 -28.85 -26.68
C TRP A 83 37.17 -28.70 -25.74
C TRP A 83 37.15 -28.71 -25.72
N ALA A 84 37.98 -29.75 -25.64
CA ALA A 84 39.13 -29.73 -24.74
C ALA A 84 40.30 -28.97 -25.33
N ASP A 85 41.08 -28.31 -24.48
CA ASP A 85 42.25 -27.55 -24.94
C ASP A 85 43.43 -28.50 -25.08
N GLU A 86 44.60 -27.94 -25.40
CA GLU A 86 45.81 -28.73 -25.58
C GLU A 86 46.17 -29.63 -24.39
N ASN A 87 45.74 -29.24 -23.19
CA ASN A 87 46.03 -30.02 -22.00
C ASN A 87 44.92 -31.00 -21.62
N GLY A 88 43.83 -30.97 -22.38
CA GLY A 88 42.73 -31.87 -22.11
C GLY A 88 41.75 -31.31 -21.09
N ASP A 89 41.88 -30.03 -20.77
CA ASP A 89 41.00 -29.39 -19.80
C ASP A 89 39.80 -28.73 -20.46
N LEU A 90 38.67 -28.75 -19.75
CA LEU A 90 37.41 -28.18 -20.25
C LEU A 90 36.92 -27.02 -19.42
N GLY A 91 37.65 -26.69 -18.37
CA GLY A 91 37.18 -25.62 -17.51
C GLY A 91 36.25 -26.28 -16.52
N PRO A 92 35.59 -25.52 -15.65
CA PRO A 92 34.68 -26.04 -14.64
C PRO A 92 33.29 -26.47 -15.11
N VAL A 93 33.25 -27.41 -16.05
CA VAL A 93 31.97 -27.89 -16.56
C VAL A 93 31.32 -28.89 -15.58
N TYR A 94 30.21 -29.49 -16.01
CA TYR A 94 29.41 -30.43 -15.22
C TYR A 94 30.02 -31.04 -13.96
N GLY A 95 30.96 -31.97 -14.14
CA GLY A 95 31.59 -32.64 -13.03
C GLY A 95 32.10 -31.74 -11.91
N LYS A 96 32.75 -30.64 -12.29
CA LYS A 96 33.28 -29.72 -11.31
C LYS A 96 32.16 -29.08 -10.50
N GLN A 97 31.05 -28.74 -11.14
CA GLN A 97 29.95 -28.12 -10.42
C GLN A 97 29.22 -29.15 -9.55
N TRP A 98 29.07 -30.36 -10.06
CA TRP A 98 28.39 -31.43 -9.33
C TRP A 98 29.10 -31.80 -8.03
N ARG A 99 30.43 -31.84 -8.09
CA ARG A 99 31.24 -32.28 -6.96
C ARG A 99 32.01 -31.22 -6.19
N ALA A 100 32.19 -30.05 -6.79
CA ALA A 100 33.00 -29.01 -6.15
C ALA A 100 32.63 -27.60 -6.54
N TRP A 101 31.34 -27.28 -6.45
CA TRP A 101 30.85 -25.94 -6.77
C TRP A 101 31.59 -24.95 -5.87
N PRO A 102 32.31 -23.99 -6.47
CA PRO A 102 33.05 -23.00 -5.67
C PRO A 102 32.16 -21.92 -5.07
N THR A 103 32.32 -21.66 -3.78
CA THR A 103 31.53 -20.64 -3.11
C THR A 103 32.34 -19.35 -3.06
N PRO A 104 31.69 -18.22 -2.74
CA PRO A 104 32.44 -16.96 -2.67
C PRO A 104 33.50 -16.97 -1.57
N ASP A 105 33.27 -17.73 -0.51
CA ASP A 105 34.22 -17.78 0.60
C ASP A 105 35.33 -18.84 0.50
N GLY A 106 35.49 -19.46 -0.65
CA GLY A 106 36.56 -20.44 -0.83
C GLY A 106 36.26 -21.92 -0.66
N ARG A 107 35.02 -22.26 -0.31
CA ARG A 107 34.66 -23.66 -0.15
C ARG A 107 34.28 -24.29 -1.49
N HIS A 108 34.22 -25.61 -1.50
CA HIS A 108 33.82 -26.35 -2.69
C HIS A 108 32.73 -27.31 -2.25
N ILE A 109 31.54 -27.12 -2.80
CA ILE A 109 30.37 -27.91 -2.43
C ILE A 109 30.12 -29.17 -3.25
N ASP A 110 30.07 -30.30 -2.56
CA ASP A 110 29.81 -31.59 -3.17
C ASP A 110 28.30 -31.78 -3.20
N GLN A 111 27.67 -31.44 -4.32
CA GLN A 111 26.21 -31.56 -4.43
C GLN A 111 25.73 -33.00 -4.50
N ILE A 112 26.56 -33.89 -5.06
CA ILE A 112 26.16 -35.28 -5.15
C ILE A 112 26.07 -35.89 -3.76
N THR A 113 27.09 -35.67 -2.94
CA THR A 113 27.05 -36.20 -1.59
C THR A 113 25.90 -35.54 -0.83
N THR A 114 25.70 -34.24 -1.03
CA THR A 114 24.61 -33.53 -0.37
C THR A 114 23.26 -34.20 -0.67
N VAL A 115 23.01 -34.47 -1.95
CA VAL A 115 21.76 -35.11 -2.36
C VAL A 115 21.60 -36.49 -1.73
N LEU A 116 22.68 -37.26 -1.68
CA LEU A 116 22.62 -38.59 -1.08
C LEU A 116 22.31 -38.46 0.41
N ASN A 117 22.87 -37.43 1.05
CA ASN A 117 22.62 -37.20 2.47
C ASN A 117 21.12 -36.92 2.65
N GLN A 118 20.57 -36.12 1.75
CA GLN A 118 19.16 -35.76 1.81
C GLN A 118 18.24 -36.95 1.59
N LEU A 119 18.56 -37.78 0.60
CA LEU A 119 17.73 -38.94 0.32
C LEU A 119 17.73 -39.93 1.47
N LYS A 120 18.83 -39.98 2.22
CA LYS A 120 18.92 -40.89 3.35
C LYS A 120 18.27 -40.34 4.62
N ASN A 121 18.48 -39.07 4.91
CA ASN A 121 17.94 -38.47 6.13
C ASN A 121 16.66 -37.64 5.99
N ASP A 122 16.38 -37.15 4.80
CA ASP A 122 15.20 -36.32 4.61
C ASP A 122 14.62 -36.49 3.21
N PRO A 123 14.23 -37.72 2.85
CA PRO A 123 13.68 -38.06 1.54
C PRO A 123 12.49 -37.22 1.05
N ASP A 124 11.76 -36.61 1.98
CA ASP A 124 10.62 -35.79 1.56
C ASP A 124 11.00 -34.35 1.28
N SER A 125 12.30 -34.04 1.36
CA SER A 125 12.78 -32.69 1.08
C SER A 125 12.35 -32.22 -0.31
N ARG A 126 11.98 -30.94 -0.42
CA ARG A 126 11.55 -30.39 -1.70
C ARG A 126 12.69 -29.61 -2.33
N ARG A 127 13.91 -29.88 -1.86
CA ARG A 127 15.08 -29.20 -2.40
C ARG A 127 16.28 -30.15 -2.60
N ILE A 128 16.00 -31.36 -3.07
CA ILE A 128 17.06 -32.33 -3.34
C ILE A 128 17.42 -31.99 -4.78
N ILE A 129 18.32 -31.03 -4.90
CA ILE A 129 18.71 -30.47 -6.20
C ILE A 129 20.21 -30.45 -6.50
N VAL A 130 20.56 -30.60 -7.77
CA VAL A 130 21.94 -30.49 -8.22
C VAL A 130 21.88 -29.51 -9.38
N SER A 131 22.69 -28.44 -9.30
CA SER A 131 22.72 -27.48 -10.39
C SER A 131 24.13 -27.33 -10.95
N ALA A 132 24.23 -27.30 -12.27
CA ALA A 132 25.52 -27.09 -12.91
C ALA A 132 25.56 -25.65 -13.43
N TRP A 133 24.45 -24.93 -13.26
CA TRP A 133 24.39 -23.56 -13.76
C TRP A 133 25.04 -22.55 -12.81
N ASN A 134 26.37 -22.58 -12.76
CA ASN A 134 27.11 -21.66 -11.91
C ASN A 134 27.43 -20.42 -12.74
N VAL A 135 26.56 -19.41 -12.59
CA VAL A 135 26.68 -18.16 -13.33
C VAL A 135 28.09 -17.57 -13.29
N GLY A 136 28.71 -17.61 -12.12
CA GLY A 136 30.03 -17.04 -11.94
C GLY A 136 31.17 -17.77 -12.62
N GLU A 137 30.91 -18.97 -13.12
CA GLU A 137 31.95 -19.74 -13.79
C GLU A 137 31.67 -20.06 -15.25
N LEU A 138 30.55 -19.59 -15.78
CA LEU A 138 30.19 -19.87 -17.17
C LEU A 138 31.28 -19.48 -18.17
N ASP A 139 31.85 -18.29 -17.98
CA ASP A 139 32.89 -17.79 -18.88
C ASP A 139 34.15 -18.63 -18.92
N LYS A 140 34.37 -19.44 -17.89
CA LYS A 140 35.55 -20.30 -17.83
C LYS A 140 35.30 -21.69 -18.41
N MET A 141 34.04 -22.03 -18.61
CA MET A 141 33.67 -23.34 -19.16
C MET A 141 33.85 -23.42 -20.67
N ALA A 142 34.24 -24.60 -21.16
CA ALA A 142 34.41 -24.80 -22.59
C ALA A 142 33.04 -24.60 -23.24
N LEU A 143 31.99 -24.96 -22.51
CA LEU A 143 30.63 -24.80 -23.00
C LEU A 143 29.67 -24.66 -21.83
N ALA A 144 28.61 -23.88 -22.02
CA ALA A 144 27.62 -23.67 -20.97
C ALA A 144 26.82 -24.96 -20.81
N PRO A 145 26.55 -25.37 -19.56
CA PRO A 145 25.79 -26.59 -19.29
C PRO A 145 24.46 -26.67 -20.05
N CYS A 146 24.22 -27.81 -20.70
N CYS A 146 24.25 -27.81 -20.69
CA CYS A 146 22.98 -28.02 -21.43
CA CYS A 146 23.03 -28.05 -21.43
C CYS A 146 21.96 -28.66 -20.49
C CYS A 146 22.01 -28.62 -20.45
N HIS A 147 22.37 -29.72 -19.81
CA HIS A 147 21.49 -30.35 -18.81
C HIS A 147 21.96 -29.56 -17.60
N ALA A 148 21.24 -28.47 -17.36
CA ALA A 148 21.57 -27.49 -16.34
C ALA A 148 21.29 -27.72 -14.88
N PHE A 149 20.27 -28.50 -14.59
N PHE A 149 20.21 -28.44 -14.60
CA PHE A 149 20.01 -28.83 -13.20
CA PHE A 149 19.76 -28.59 -13.22
C PHE A 149 18.97 -29.90 -13.15
C PHE A 149 18.78 -29.76 -13.07
N PHE A 150 18.93 -30.57 -12.01
CA PHE A 150 18.00 -31.65 -11.81
C PHE A 150 17.57 -31.77 -10.36
N GLN A 151 16.39 -32.34 -10.16
CA GLN A 151 15.82 -32.48 -8.83
C GLN A 151 15.30 -33.90 -8.60
N PHE A 152 15.49 -34.40 -7.38
CA PHE A 152 15.03 -35.73 -7.02
C PHE A 152 13.78 -35.65 -6.17
N TYR A 153 13.04 -36.74 -6.16
CA TYR A 153 11.79 -36.81 -5.42
C TYR A 153 11.56 -38.25 -5.01
N VAL A 154 11.03 -38.45 -3.80
CA VAL A 154 10.77 -39.79 -3.31
C VAL A 154 9.33 -39.93 -2.87
N ALA A 155 8.68 -41.01 -3.32
CA ALA A 155 7.30 -41.30 -2.95
C ALA A 155 7.02 -42.79 -3.14
N ASP A 156 6.38 -43.40 -2.14
CA ASP A 156 6.05 -44.82 -2.20
C ASP A 156 7.27 -45.70 -2.43
N GLY A 157 8.39 -45.34 -1.80
CA GLY A 157 9.61 -46.11 -1.94
C GLY A 157 10.28 -46.01 -3.29
N LYS A 158 9.86 -45.06 -4.12
CA LYS A 158 10.44 -44.88 -5.45
C LYS A 158 11.14 -43.54 -5.64
N LEU A 159 12.28 -43.59 -6.32
CA LEU A 159 13.07 -42.40 -6.60
C LEU A 159 12.78 -41.87 -8.00
N SER A 160 12.38 -40.61 -8.09
CA SER A 160 12.12 -39.96 -9.37
C SER A 160 13.12 -38.82 -9.53
N CYS A 161 13.29 -38.36 -10.76
CA CYS A 161 14.20 -37.26 -11.04
C CYS A 161 13.70 -36.45 -12.23
N GLN A 162 13.80 -35.13 -12.13
CA GLN A 162 13.41 -34.26 -13.22
C GLN A 162 14.62 -33.43 -13.62
N LEU A 163 14.89 -33.42 -14.92
CA LEU A 163 16.01 -32.68 -15.49
C LEU A 163 15.52 -31.51 -16.31
N TYR A 164 16.20 -30.37 -16.18
CA TYR A 164 15.84 -29.23 -17.00
C TYR A 164 16.97 -29.12 -18.02
N GLN A 165 16.63 -29.24 -19.29
CA GLN A 165 17.61 -29.13 -20.36
C GLN A 165 17.31 -27.83 -21.11
N ARG A 166 18.21 -26.85 -21.01
CA ARG A 166 17.99 -25.56 -21.66
C ARG A 166 17.98 -25.58 -23.18
N SER A 167 18.75 -26.49 -23.76
CA SER A 167 18.85 -26.58 -25.21
C SER A 167 18.98 -28.04 -25.60
N CYS A 168 18.27 -28.45 -26.64
CA CYS A 168 18.33 -29.85 -27.02
C CYS A 168 18.16 -30.16 -28.50
N ASP A 169 19.15 -30.83 -29.08
CA ASP A 169 19.11 -31.28 -30.47
C ASP A 169 18.34 -32.59 -30.31
N VAL A 170 17.07 -32.59 -30.71
CA VAL A 170 16.22 -33.77 -30.54
C VAL A 170 16.72 -35.04 -31.19
N PHE A 171 17.36 -34.93 -32.36
CA PHE A 171 17.83 -36.11 -33.05
C PHE A 171 19.14 -36.70 -32.53
N LEU A 172 20.17 -35.88 -32.39
CA LEU A 172 21.46 -36.37 -31.92
C LEU A 172 21.66 -36.49 -30.43
N GLY A 173 21.36 -35.41 -29.71
CA GLY A 173 21.61 -35.45 -28.28
C GLY A 173 20.58 -36.03 -27.34
N LEU A 174 19.30 -35.83 -27.62
CA LEU A 174 18.27 -36.29 -26.69
C LEU A 174 18.32 -37.76 -26.26
N PRO A 175 18.47 -38.70 -27.20
CA PRO A 175 18.53 -40.11 -26.80
C PRO A 175 19.65 -40.36 -25.79
N PHE A 176 20.78 -39.71 -26.03
CA PHE A 176 21.97 -39.83 -25.17
C PHE A 176 21.66 -39.29 -23.78
N ASN A 177 21.09 -38.09 -23.75
N ASN A 177 21.10 -38.08 -23.74
CA ASN A 177 20.74 -37.40 -22.52
CA ASN A 177 20.76 -37.43 -22.48
C ASN A 177 19.76 -38.19 -21.66
C ASN A 177 19.77 -38.21 -21.64
N ILE A 178 18.74 -38.77 -22.28
CA ILE A 178 17.73 -39.54 -21.55
C ILE A 178 18.39 -40.76 -20.92
N ALA A 179 19.17 -41.50 -21.70
CA ALA A 179 19.85 -42.68 -21.18
C ALA A 179 20.79 -42.34 -20.02
N SER A 180 21.55 -41.26 -20.17
CA SER A 180 22.49 -40.85 -19.15
C SER A 180 21.81 -40.63 -17.79
N TYR A 181 20.76 -39.84 -17.77
CA TYR A 181 20.07 -39.59 -16.52
C TYR A 181 19.30 -40.77 -15.97
N ALA A 182 18.78 -41.62 -16.86
CA ALA A 182 18.06 -42.81 -16.41
C ALA A 182 19.06 -43.70 -15.66
N LEU A 183 20.29 -43.74 -16.16
CA LEU A 183 21.34 -44.53 -15.53
C LEU A 183 21.63 -43.96 -14.15
N LEU A 184 21.73 -42.64 -14.06
CA LEU A 184 22.01 -42.00 -12.79
C LEU A 184 20.91 -42.33 -11.77
N VAL A 185 19.64 -42.28 -12.19
CA VAL A 185 18.55 -42.58 -11.28
C VAL A 185 18.67 -44.00 -10.74
N HIS A 186 19.00 -44.95 -11.61
CA HIS A 186 19.17 -46.33 -11.20
C HIS A 186 20.29 -46.49 -10.17
N MET A 187 21.39 -45.78 -10.38
CA MET A 187 22.54 -45.84 -9.47
C MET A 187 22.18 -45.23 -8.12
N MET A 188 21.55 -44.07 -8.15
N MET A 188 21.55 -44.08 -8.13
CA MET A 188 21.16 -43.38 -6.94
CA MET A 188 21.19 -43.43 -6.87
C MET A 188 20.13 -44.19 -6.15
C MET A 188 20.15 -44.24 -6.13
N ALA A 189 19.19 -44.80 -6.86
CA ALA A 189 18.15 -45.61 -6.23
C ALA A 189 18.78 -46.86 -5.59
N GLN A 190 19.76 -47.46 -6.26
CA GLN A 190 20.41 -48.65 -5.72
C GLN A 190 21.15 -48.30 -4.43
N GLN A 191 21.82 -47.15 -4.42
CA GLN A 191 22.57 -46.72 -3.24
C GLN A 191 21.67 -46.40 -2.06
N CYS A 192 20.44 -45.95 -2.35
CA CYS A 192 19.50 -45.58 -1.28
C CYS A 192 18.47 -46.64 -0.96
N ASP A 193 18.63 -47.83 -1.54
CA ASP A 193 17.70 -48.93 -1.31
C ASP A 193 16.28 -48.52 -1.68
N LEU A 194 16.14 -47.89 -2.84
CA LEU A 194 14.83 -47.46 -3.33
C LEU A 194 14.57 -48.06 -4.69
N GLU A 195 13.30 -48.13 -5.06
CA GLU A 195 12.92 -48.62 -6.38
C GLU A 195 13.02 -47.41 -7.29
N VAL A 196 13.07 -47.64 -8.61
CA VAL A 196 13.14 -46.51 -9.53
C VAL A 196 11.74 -46.01 -9.84
N GLY A 197 11.59 -44.70 -9.89
CA GLY A 197 10.32 -44.10 -10.20
C GLY A 197 10.28 -43.57 -11.62
N ASP A 198 10.00 -42.28 -11.78
CA ASP A 198 9.94 -41.68 -13.10
C ASP A 198 11.10 -40.75 -13.39
N PHE A 199 11.49 -40.69 -14.65
CA PHE A 199 12.51 -39.73 -15.04
C PHE A 199 11.69 -38.73 -15.86
N VAL A 200 11.66 -37.49 -15.42
CA VAL A 200 10.90 -36.46 -16.12
C VAL A 200 11.88 -35.56 -16.84
N TRP A 201 11.71 -35.46 -18.15
CA TRP A 201 12.58 -34.63 -18.97
C TRP A 201 11.86 -33.35 -19.36
N THR A 202 12.46 -32.21 -19.02
CA THR A 202 11.86 -30.93 -19.36
C THR A 202 12.83 -30.14 -20.21
N GLY A 203 12.36 -29.64 -21.34
CA GLY A 203 13.24 -28.91 -22.21
C GLY A 203 12.91 -27.46 -22.45
N GLY A 204 13.95 -26.70 -22.78
CA GLY A 204 13.81 -25.30 -23.09
C GLY A 204 13.71 -25.22 -24.61
N ASP A 205 14.78 -24.76 -25.26
CA ASP A 205 14.81 -24.65 -26.71
C ASP A 205 15.07 -26.07 -27.26
N THR A 206 14.00 -26.69 -27.75
CA THR A 206 14.05 -28.06 -28.27
C THR A 206 13.94 -27.99 -29.79
N HIS A 207 14.97 -28.43 -30.47
CA HIS A 207 15.01 -28.29 -31.92
C HIS A 207 15.52 -29.45 -32.77
N LEU A 208 15.29 -29.33 -34.06
CA LEU A 208 15.73 -30.30 -35.06
C LEU A 208 16.48 -29.49 -36.10
N TYR A 209 17.69 -29.92 -36.44
CA TYR A 209 18.45 -29.19 -37.45
C TYR A 209 17.91 -29.47 -38.85
N SER A 210 17.95 -28.46 -39.70
CA SER A 210 17.44 -28.57 -41.06
C SER A 210 18.07 -29.70 -41.86
N ASN A 211 19.33 -30.04 -41.56
CA ASN A 211 19.98 -31.11 -42.32
C ASN A 211 19.75 -32.49 -41.73
N HIS A 212 18.79 -32.59 -40.80
CA HIS A 212 18.47 -33.89 -40.19
C HIS A 212 17.01 -34.25 -40.51
N MET A 213 16.39 -33.53 -41.44
CA MET A 213 15.00 -33.78 -41.78
C MET A 213 14.71 -35.17 -42.35
N ASP A 214 15.53 -35.62 -43.30
CA ASP A 214 15.33 -36.95 -43.89
C ASP A 214 15.49 -38.02 -42.83
N GLN A 215 16.49 -37.85 -41.98
CA GLN A 215 16.76 -38.80 -40.90
C GLN A 215 15.59 -38.87 -39.94
N THR A 216 14.98 -37.72 -39.66
CA THR A 216 13.84 -37.64 -38.75
C THR A 216 12.64 -38.37 -39.35
N HIS A 217 12.35 -38.12 -40.62
CA HIS A 217 11.23 -38.78 -41.29
C HIS A 217 11.42 -40.29 -41.28
N LEU A 218 12.66 -40.74 -41.48
CA LEU A 218 12.96 -42.16 -41.47
C LEU A 218 12.70 -42.80 -40.11
N GLN A 219 13.21 -42.17 -39.04
CA GLN A 219 13.00 -42.73 -37.71
C GLN A 219 11.51 -42.73 -37.34
N LEU A 220 10.78 -41.70 -37.77
CA LEU A 220 9.36 -41.61 -37.47
C LEU A 220 8.54 -42.69 -38.19
N SER A 221 9.13 -43.30 -39.21
CA SER A 221 8.44 -44.35 -39.95
C SER A 221 8.63 -45.70 -39.30
N ARG A 222 9.42 -45.75 -38.24
CA ARG A 222 9.70 -47.00 -37.53
C ARG A 222 8.91 -47.14 -36.23
N GLU A 223 8.45 -48.36 -35.97
CA GLU A 223 7.69 -48.66 -34.76
C GLU A 223 8.61 -48.93 -33.58
N PRO A 224 8.37 -48.25 -32.45
CA PRO A 224 9.23 -48.49 -31.29
C PRO A 224 9.04 -49.92 -30.80
N ARG A 225 10.09 -50.51 -30.26
CA ARG A 225 10.03 -51.87 -29.77
C ARG A 225 10.10 -51.90 -28.25
N PRO A 226 9.77 -53.05 -27.63
CA PRO A 226 9.81 -53.11 -26.17
C PRO A 226 11.17 -52.63 -25.64
N LEU A 227 11.12 -51.82 -24.59
CA LEU A 227 12.35 -51.29 -24.01
C LEU A 227 13.18 -52.37 -23.31
N PRO A 228 14.50 -52.19 -23.30
CA PRO A 228 15.39 -53.16 -22.66
C PRO A 228 15.35 -53.02 -21.15
N LYS A 229 16.13 -53.84 -20.47
CA LYS A 229 16.19 -53.80 -19.02
C LYS A 229 17.63 -53.56 -18.58
N LEU A 230 17.80 -52.63 -17.64
CA LEU A 230 19.13 -52.32 -17.14
C LEU A 230 19.44 -53.26 -15.98
N ILE A 231 20.65 -53.81 -15.99
CA ILE A 231 21.08 -54.71 -14.94
C ILE A 231 22.36 -54.17 -14.31
N ILE A 232 22.37 -54.05 -12.99
CA ILE A 232 23.56 -53.60 -12.28
C ILE A 232 24.03 -54.86 -11.56
N LYS A 233 25.15 -55.41 -12.04
CA LYS A 233 25.71 -56.65 -11.52
C LYS A 233 26.31 -56.59 -10.12
N ARG A 234 26.48 -55.39 -9.59
CA ARG A 234 27.09 -55.24 -8.27
C ARG A 234 26.56 -54.00 -7.56
N LYS A 235 26.61 -54.03 -6.23
CA LYS A 235 26.17 -52.89 -5.44
C LYS A 235 27.41 -52.30 -4.77
N PRO A 236 27.97 -51.24 -5.37
CA PRO A 236 29.17 -50.58 -4.83
C PRO A 236 28.91 -50.01 -3.44
N GLU A 237 29.99 -49.73 -2.72
CA GLU A 237 29.89 -49.18 -1.38
C GLU A 237 29.43 -47.72 -1.39
N SER A 238 29.50 -47.09 -2.55
CA SER A 238 29.07 -45.71 -2.68
C SER A 238 28.83 -45.33 -4.13
N ILE A 239 28.21 -44.17 -4.32
CA ILE A 239 27.88 -43.65 -5.64
C ILE A 239 29.14 -43.36 -6.48
N PHE A 240 30.29 -43.25 -5.82
CA PHE A 240 31.54 -42.95 -6.52
C PHE A 240 32.38 -44.19 -6.84
N ASP A 241 31.88 -45.36 -6.46
CA ASP A 241 32.63 -46.60 -6.69
C ASP A 241 32.11 -47.50 -7.81
N TYR A 242 31.26 -46.96 -8.69
CA TYR A 242 30.76 -47.78 -9.80
C TYR A 242 31.84 -47.94 -10.85
N ARG A 243 31.77 -49.04 -11.58
CA ARG A 243 32.73 -49.34 -12.63
C ARG A 243 31.98 -49.63 -13.92
N PHE A 244 32.65 -49.39 -15.04
CA PHE A 244 32.02 -49.62 -16.35
C PHE A 244 31.37 -51.00 -16.47
N GLU A 245 32.08 -52.02 -16.02
CA GLU A 245 31.57 -53.39 -16.13
C GLU A 245 30.37 -53.73 -15.25
N ASP A 246 30.01 -52.83 -14.33
CA ASP A 246 28.89 -53.09 -13.44
C ASP A 246 27.54 -53.03 -14.17
N PHE A 247 27.54 -52.43 -15.35
CA PHE A 247 26.30 -52.27 -16.11
C PHE A 247 26.13 -53.21 -17.28
N GLU A 248 24.90 -53.65 -17.48
CA GLU A 248 24.55 -54.54 -18.59
C GLU A 248 23.12 -54.26 -19.05
N ILE A 249 22.94 -54.20 -20.36
CA ILE A 249 21.64 -53.95 -20.93
C ILE A 249 21.11 -55.25 -21.52
N GLU A 250 19.94 -55.65 -21.06
CA GLU A 250 19.32 -56.90 -21.49
C GLU A 250 18.08 -56.68 -22.36
N GLY A 251 17.98 -57.43 -23.44
CA GLY A 251 16.83 -57.33 -24.32
C GLY A 251 16.74 -56.11 -25.23
N TYR A 252 17.89 -55.57 -25.63
CA TYR A 252 17.88 -54.40 -26.51
C TYR A 252 17.90 -54.86 -27.96
N ASP A 253 16.79 -54.64 -28.65
CA ASP A 253 16.64 -55.03 -30.06
C ASP A 253 16.16 -53.84 -30.88
N PRO A 254 17.06 -52.88 -31.16
CA PRO A 254 16.72 -51.68 -31.93
C PRO A 254 16.79 -51.80 -33.44
N HIS A 255 16.23 -50.81 -34.12
CA HIS A 255 16.27 -50.73 -35.57
C HIS A 255 17.70 -50.28 -35.85
N PRO A 256 18.14 -50.31 -37.12
CA PRO A 256 19.51 -49.88 -37.39
C PRO A 256 19.84 -48.43 -37.06
N GLY A 257 21.12 -48.18 -36.80
CA GLY A 257 21.57 -46.84 -36.49
C GLY A 257 21.35 -45.89 -37.65
N ILE A 258 21.16 -44.61 -37.34
CA ILE A 258 20.95 -43.59 -38.35
C ILE A 258 22.00 -42.51 -38.15
N LYS A 259 22.79 -42.25 -39.18
CA LYS A 259 23.82 -41.23 -39.09
C LYS A 259 23.26 -39.84 -39.37
N ALA A 260 23.65 -38.87 -38.54
CA ALA A 260 23.20 -37.49 -38.71
C ALA A 260 24.45 -36.61 -38.61
N PRO A 261 24.93 -36.08 -39.74
CA PRO A 261 26.10 -35.22 -39.79
C PRO A 261 25.87 -33.81 -39.28
N VAL A 262 26.95 -33.13 -38.93
CA VAL A 262 26.85 -31.77 -38.42
C VAL A 262 27.77 -30.84 -39.21
N ALA A 263 27.38 -29.57 -39.30
CA ALA A 263 28.19 -28.59 -40.01
C ALA A 263 29.27 -28.09 -39.05
N ILE A 264 30.30 -27.44 -39.58
CA ILE A 264 31.36 -26.90 -38.74
C ILE A 264 31.52 -25.40 -38.93
N LYS B 2 -8.53 -22.74 -16.79
CA LYS B 2 -8.50 -24.13 -17.23
C LYS B 2 -7.25 -24.92 -16.84
N GLN B 3 -6.08 -24.43 -17.23
CA GLN B 3 -4.83 -25.12 -16.94
C GLN B 3 -4.63 -25.34 -15.44
N TYR B 4 -4.94 -24.31 -14.67
CA TYR B 4 -4.80 -24.35 -13.23
C TYR B 4 -5.75 -25.35 -12.58
N LEU B 5 -7.03 -25.30 -12.97
CA LEU B 5 -8.00 -26.22 -12.40
C LEU B 5 -7.67 -27.67 -12.77
N GLU B 6 -7.13 -27.86 -13.97
CA GLU B 6 -6.75 -29.20 -14.41
C GLU B 6 -5.64 -29.75 -13.51
N LEU B 7 -4.71 -28.88 -13.12
CA LEU B 7 -3.62 -29.29 -12.26
C LEU B 7 -4.14 -29.63 -10.86
N MET B 8 -5.06 -28.81 -10.34
CA MET B 8 -5.64 -29.07 -9.02
C MET B 8 -6.27 -30.46 -9.01
N GLN B 9 -7.06 -30.72 -10.04
CA GLN B 9 -7.75 -32.01 -10.17
C GLN B 9 -6.74 -33.14 -10.27
N LYS B 10 -5.64 -32.89 -10.99
CA LYS B 10 -4.61 -33.90 -11.15
C LYS B 10 -3.96 -34.25 -9.82
N VAL B 11 -3.70 -33.25 -8.99
CA VAL B 11 -3.10 -33.50 -7.69
C VAL B 11 -4.06 -34.33 -6.83
N LEU B 12 -5.35 -34.03 -6.93
CA LEU B 12 -6.34 -34.77 -6.17
C LEU B 12 -6.46 -36.22 -6.62
N ASP B 13 -6.51 -36.43 -7.94
CA ASP B 13 -6.65 -37.78 -8.48
C ASP B 13 -5.39 -38.63 -8.46
N GLU B 14 -4.24 -38.03 -8.72
CA GLU B 14 -2.99 -38.79 -8.76
C GLU B 14 -2.00 -38.55 -7.64
N GLY B 15 -2.21 -37.48 -6.86
CA GLY B 15 -1.30 -37.19 -5.78
C GLY B 15 -1.06 -38.30 -4.77
N THR B 16 0.14 -38.35 -4.21
CA THR B 16 0.49 -39.32 -3.20
C THR B 16 0.52 -38.60 -1.87
N GLN B 17 0.11 -39.29 -0.81
CA GLN B 17 0.07 -38.70 0.52
C GLN B 17 1.43 -38.71 1.22
N LYS B 18 1.91 -37.54 1.61
CA LYS B 18 3.19 -37.41 2.32
C LYS B 18 3.35 -36.02 2.91
N ASN B 19 3.86 -35.98 4.14
CA ASN B 19 4.05 -34.72 4.88
C ASN B 19 5.10 -33.78 4.30
N ASP B 20 5.23 -32.63 4.95
CA ASP B 20 6.21 -31.61 4.59
C ASP B 20 7.12 -31.49 5.81
N ARG B 21 8.14 -30.63 5.74
CA ARG B 21 9.06 -30.47 6.87
C ARG B 21 8.31 -30.51 8.20
N THR B 22 8.32 -31.69 8.84
CA THR B 22 7.63 -31.88 10.12
C THR B 22 6.44 -30.94 10.24
N GLY B 23 5.39 -31.23 9.47
CA GLY B 23 4.21 -30.39 9.52
C GLY B 23 2.97 -30.99 8.89
N THR B 24 2.21 -30.14 8.22
CA THR B 24 0.97 -30.54 7.57
C THR B 24 1.18 -31.52 6.42
N GLY B 25 0.33 -32.55 6.38
CA GLY B 25 0.43 -33.53 5.31
C GLY B 25 0.00 -32.93 3.99
N THR B 26 0.37 -33.57 2.89
CA THR B 26 0.01 -33.08 1.57
C THR B 26 -0.24 -34.23 0.60
N LEU B 27 -0.82 -33.88 -0.54
CA LEU B 27 -1.05 -34.80 -1.65
C LEU B 27 -0.09 -34.16 -2.64
N SER B 28 0.82 -34.94 -3.20
N SER B 28 0.82 -34.95 -3.20
CA SER B 28 1.78 -34.36 -4.14
CA SER B 28 1.80 -34.41 -4.11
C SER B 28 2.06 -35.19 -5.38
C SER B 28 2.07 -35.21 -5.38
N ILE B 29 2.44 -34.49 -6.44
CA ILE B 29 2.79 -35.11 -7.71
C ILE B 29 4.13 -34.46 -8.02
N PHE B 30 4.92 -35.09 -8.88
CA PHE B 30 6.22 -34.55 -9.21
C PHE B 30 6.34 -34.37 -10.71
N GLY B 31 6.65 -33.15 -11.14
CA GLY B 31 6.80 -32.89 -12.55
C GLY B 31 5.47 -32.64 -13.24
N HIS B 32 5.21 -31.37 -13.53
CA HIS B 32 4.02 -30.99 -14.25
C HIS B 32 4.39 -29.76 -15.06
N GLN B 33 3.65 -29.49 -16.11
CA GLN B 33 3.94 -28.32 -16.93
C GLN B 33 2.66 -27.75 -17.52
N MET B 34 2.54 -26.44 -17.45
CA MET B 34 1.37 -25.74 -17.98
C MET B 34 1.86 -24.63 -18.90
N ARG B 35 1.06 -24.29 -19.89
CA ARG B 35 1.42 -23.23 -20.83
C ARG B 35 0.30 -22.20 -20.92
N PHE B 36 0.69 -20.93 -20.84
CA PHE B 36 -0.26 -19.82 -20.92
C PHE B 36 0.11 -18.91 -22.08
N ASN B 37 -0.75 -18.84 -23.09
CA ASN B 37 -0.51 -17.98 -24.24
C ASN B 37 -0.90 -16.59 -23.74
N LEU B 38 0.09 -15.75 -23.46
CA LEU B 38 -0.18 -14.42 -22.94
C LEU B 38 -1.02 -13.53 -23.85
N GLN B 39 -1.16 -13.94 -25.12
CA GLN B 39 -1.97 -13.19 -26.06
C GLN B 39 -3.45 -13.49 -25.79
N ASP B 40 -3.71 -14.57 -25.06
CA ASP B 40 -5.09 -14.95 -24.73
C ASP B 40 -5.61 -14.20 -23.52
N GLY B 41 -4.76 -13.40 -22.89
CA GLY B 41 -5.16 -12.65 -21.71
C GLY B 41 -4.21 -12.85 -20.56
N PHE B 42 -4.22 -11.94 -19.60
CA PHE B 42 -3.33 -12.06 -18.43
C PHE B 42 -3.82 -13.19 -17.54
N PRO B 43 -2.94 -14.16 -17.25
CA PRO B 43 -3.26 -15.31 -16.40
C PRO B 43 -3.42 -15.06 -14.91
N LEU B 44 -4.48 -14.35 -14.56
CA LEU B 44 -4.79 -14.07 -13.16
C LEU B 44 -6.02 -14.94 -12.89
N VAL B 45 -5.89 -15.88 -11.96
N VAL B 45 -5.89 -15.89 -11.97
CA VAL B 45 -6.99 -16.79 -11.61
CA VAL B 45 -6.99 -16.79 -11.65
C VAL B 45 -8.31 -16.05 -11.46
C VAL B 45 -8.31 -16.05 -11.48
N THR B 46 -9.38 -16.64 -12.00
CA THR B 46 -10.71 -16.05 -11.92
C THR B 46 -11.66 -16.87 -11.06
N THR B 47 -11.27 -18.10 -10.72
CA THR B 47 -12.13 -18.95 -9.92
C THR B 47 -12.05 -18.61 -8.43
N LYS B 48 -11.31 -17.55 -8.14
CA LYS B 48 -11.16 -17.00 -6.79
C LYS B 48 -10.48 -15.65 -6.94
N ARG B 49 -10.87 -14.71 -6.09
CA ARG B 49 -10.32 -13.36 -6.10
C ARG B 49 -8.84 -13.29 -5.75
N CYS B 50 -8.05 -12.68 -6.63
N CYS B 50 -8.04 -12.69 -6.63
CA CYS B 50 -6.61 -12.53 -6.40
CA CYS B 50 -6.60 -12.55 -6.41
C CYS B 50 -6.23 -11.07 -6.50
C CYS B 50 -6.21 -11.08 -6.52
N HIS B 51 -5.41 -10.60 -5.56
CA HIS B 51 -4.97 -9.21 -5.55
C HIS B 51 -3.55 -9.11 -6.12
N LEU B 52 -3.31 -8.12 -6.98
CA LEU B 52 -2.00 -7.93 -7.61
C LEU B 52 -1.07 -6.91 -6.94
N ARG B 53 -1.61 -6.14 -6.00
N ARG B 53 -1.61 -6.14 -6.00
CA ARG B 53 -0.81 -5.12 -5.31
CA ARG B 53 -0.82 -5.11 -5.32
C ARG B 53 0.52 -5.65 -4.78
C ARG B 53 0.51 -5.64 -4.78
N SER B 54 0.46 -6.68 -3.94
CA SER B 54 1.67 -7.24 -3.37
C SER B 54 2.57 -7.88 -4.42
N ILE B 55 1.95 -8.51 -5.42
CA ILE B 55 2.69 -9.15 -6.50
C ILE B 55 3.52 -8.12 -7.28
N ILE B 56 2.90 -6.98 -7.59
CA ILE B 56 3.60 -5.94 -8.34
C ILE B 56 4.74 -5.37 -7.51
N HIS B 57 4.48 -4.99 -6.27
CA HIS B 57 5.52 -4.44 -5.42
C HIS B 57 6.67 -5.42 -5.25
N GLU B 58 6.36 -6.70 -5.04
CA GLU B 58 7.41 -7.69 -4.85
C GLU B 58 8.30 -7.77 -6.09
N LEU B 59 7.68 -7.78 -7.28
CA LEU B 59 8.47 -7.87 -8.50
C LEU B 59 9.37 -6.66 -8.68
N LEU B 60 8.86 -5.46 -8.42
CA LEU B 60 9.67 -4.27 -8.53
C LEU B 60 10.82 -4.36 -7.53
N TRP B 61 10.53 -4.91 -6.36
CA TRP B 61 11.51 -5.09 -5.30
C TRP B 61 12.60 -6.08 -5.77
N PHE B 62 12.20 -7.18 -6.39
CA PHE B 62 13.17 -8.16 -6.89
C PHE B 62 14.11 -7.48 -7.89
N LEU B 63 13.52 -6.75 -8.83
CA LEU B 63 14.29 -6.09 -9.89
C LEU B 63 15.31 -5.08 -9.38
N GLN B 64 15.07 -4.51 -8.20
CA GLN B 64 15.99 -3.55 -7.62
C GLN B 64 17.16 -4.23 -6.95
N GLY B 65 17.03 -5.53 -6.68
CA GLY B 65 18.11 -6.28 -6.07
C GLY B 65 18.41 -6.11 -4.60
N ASP B 66 17.75 -5.18 -3.92
CA ASP B 66 17.98 -4.99 -2.48
C ASP B 66 17.07 -5.96 -1.75
N THR B 67 17.64 -6.83 -0.92
CA THR B 67 16.87 -7.83 -0.20
C THR B 67 16.38 -7.45 1.19
N ASN B 68 16.47 -6.18 1.53
CA ASN B 68 15.95 -5.74 2.83
C ASN B 68 14.50 -5.39 2.51
N ILE B 69 13.60 -5.68 3.44
CA ILE B 69 12.18 -5.43 3.20
C ILE B 69 11.70 -3.99 3.40
N ALA B 70 12.63 -3.07 3.61
CA ALA B 70 12.28 -1.66 3.81
C ALA B 70 11.30 -1.14 2.76
N TYR B 71 11.62 -1.34 1.48
CA TYR B 71 10.73 -0.89 0.41
C TYR B 71 9.36 -1.51 0.53
N LEU B 72 9.30 -2.79 0.87
CA LEU B 72 8.02 -3.46 1.01
C LEU B 72 7.24 -2.84 2.15
N HIS B 73 7.93 -2.55 3.25
CA HIS B 73 7.27 -1.93 4.42
C HIS B 73 6.77 -0.52 4.11
N GLU B 74 7.56 0.26 3.38
CA GLU B 74 7.18 1.62 3.03
C GLU B 74 5.84 1.61 2.27
N ASN B 75 5.56 0.51 1.59
CA ASN B 75 4.32 0.37 0.84
C ASN B 75 3.33 -0.57 1.51
N ASN B 76 3.59 -0.86 2.78
CA ASN B 76 2.74 -1.76 3.57
C ASN B 76 2.51 -3.11 2.90
N VAL B 77 3.58 -3.72 2.41
CA VAL B 77 3.52 -5.05 1.81
C VAL B 77 4.20 -5.92 2.85
N THR B 78 3.44 -6.86 3.41
CA THR B 78 3.92 -7.67 4.51
C THR B 78 4.21 -9.15 4.25
N ILE B 79 4.17 -9.57 2.98
CA ILE B 79 4.40 -10.97 2.65
C ILE B 79 5.76 -11.56 3.00
N TRP B 80 6.77 -10.73 3.25
CA TRP B 80 8.08 -11.24 3.61
C TRP B 80 8.43 -11.04 5.08
N ASP B 81 7.48 -10.48 5.83
CA ASP B 81 7.70 -10.20 7.25
C ASP B 81 8.09 -11.38 8.11
N GLU B 82 7.44 -12.52 7.92
CA GLU B 82 7.75 -13.68 8.76
C GLU B 82 9.14 -14.26 8.55
N TRP B 83 9.80 -13.87 7.45
CA TRP B 83 11.13 -14.39 7.18
C TRP B 83 12.27 -13.42 7.45
N ALA B 84 11.95 -12.15 7.60
CA ALA B 84 12.98 -11.12 7.85
C ALA B 84 13.41 -11.06 9.30
N ASP B 85 14.69 -10.72 9.51
CA ASP B 85 15.22 -10.60 10.87
C ASP B 85 14.86 -9.22 11.42
N GLU B 86 15.36 -8.91 12.61
CA GLU B 86 15.08 -7.64 13.26
C GLU B 86 15.48 -6.43 12.41
N ASN B 87 16.52 -6.59 11.60
CA ASN B 87 16.99 -5.52 10.74
C ASN B 87 16.23 -5.44 9.42
N GLY B 88 15.36 -6.43 9.19
CA GLY B 88 14.58 -6.45 7.97
C GLY B 88 15.30 -7.15 6.82
N ASP B 89 16.38 -7.85 7.13
CA ASP B 89 17.16 -8.56 6.12
C ASP B 89 16.72 -10.00 5.91
N LEU B 90 16.86 -10.47 4.68
CA LEU B 90 16.48 -11.84 4.30
C LEU B 90 17.67 -12.63 3.82
N GLY B 91 18.83 -12.00 3.75
CA GLY B 91 19.98 -12.72 3.24
C GLY B 91 19.92 -12.57 1.73
N PRO B 92 20.82 -13.25 1.01
CA PRO B 92 20.90 -13.17 -0.46
C PRO B 92 19.84 -13.93 -1.25
N VAL B 93 18.57 -13.59 -1.02
CA VAL B 93 17.48 -14.24 -1.74
C VAL B 93 17.32 -13.67 -3.14
N TYR B 94 16.27 -14.12 -3.83
CA TYR B 94 15.96 -13.73 -5.21
C TYR B 94 16.65 -12.51 -5.79
N GLY B 95 16.23 -11.33 -5.34
CA GLY B 95 16.78 -10.08 -5.84
C GLY B 95 18.29 -10.01 -5.90
N LYS B 96 18.94 -10.47 -4.84
CA LYS B 96 20.39 -10.43 -4.78
C LYS B 96 21.01 -11.28 -5.88
N GLN B 97 20.45 -12.47 -6.09
CA GLN B 97 20.97 -13.36 -7.13
C GLN B 97 20.65 -12.83 -8.52
N TRP B 98 19.45 -12.28 -8.71
CA TRP B 98 19.06 -11.74 -10.00
C TRP B 98 19.96 -10.58 -10.45
N ARG B 99 20.29 -9.71 -9.51
CA ARG B 99 21.06 -8.51 -9.83
C ARG B 99 22.53 -8.47 -9.43
N ALA B 100 22.93 -9.35 -8.53
CA ALA B 100 24.30 -9.33 -8.03
C ALA B 100 24.83 -10.67 -7.55
N TRP B 101 24.67 -11.68 -8.39
CA TRP B 101 25.16 -13.02 -8.08
C TRP B 101 26.66 -12.92 -7.81
N PRO B 102 27.09 -13.29 -6.60
CA PRO B 102 28.53 -13.18 -6.30
C PRO B 102 29.36 -14.32 -6.88
N THR B 103 30.46 -13.95 -7.53
CA THR B 103 31.36 -14.94 -8.15
C THR B 103 32.49 -15.27 -7.19
N PRO B 104 33.23 -16.35 -7.44
CA PRO B 104 34.33 -16.68 -6.53
C PRO B 104 35.43 -15.61 -6.52
N ASP B 105 35.59 -14.90 -7.63
CA ASP B 105 36.64 -13.88 -7.72
C ASP B 105 36.27 -12.46 -7.26
N GLY B 106 35.12 -12.32 -6.60
CA GLY B 106 34.73 -11.01 -6.09
C GLY B 106 33.80 -10.13 -6.91
N ARG B 107 33.36 -10.60 -8.07
CA ARG B 107 32.46 -9.80 -8.90
C ARG B 107 31.01 -10.10 -8.55
N HIS B 108 30.11 -9.24 -9.02
CA HIS B 108 28.69 -9.42 -8.80
C HIS B 108 28.03 -9.33 -10.14
N ILE B 109 27.36 -10.41 -10.54
CA ILE B 109 26.74 -10.51 -11.84
C ILE B 109 25.28 -10.11 -11.91
N ASP B 110 25.02 -9.13 -12.77
CA ASP B 110 23.67 -8.63 -13.00
C ASP B 110 23.05 -9.49 -14.11
N GLN B 111 22.29 -10.52 -13.71
CA GLN B 111 21.68 -11.41 -14.69
C GLN B 111 20.53 -10.77 -15.46
N ILE B 112 19.85 -9.80 -14.85
CA ILE B 112 18.75 -9.15 -15.54
C ILE B 112 19.29 -8.31 -16.69
N THR B 113 20.33 -7.53 -16.44
CA THR B 113 20.89 -6.72 -17.51
C THR B 113 21.47 -7.65 -18.59
N THR B 114 22.10 -8.73 -18.14
CA THR B 114 22.66 -9.72 -19.07
C THR B 114 21.59 -10.23 -20.03
N VAL B 115 20.45 -10.67 -19.48
CA VAL B 115 19.36 -11.18 -20.29
C VAL B 115 18.84 -10.13 -21.27
N LEU B 116 18.72 -8.89 -20.81
CA LEU B 116 18.26 -7.83 -21.70
C LEU B 116 19.29 -7.60 -22.81
N ASN B 117 20.58 -7.71 -22.48
CA ASN B 117 21.63 -7.53 -23.49
C ASN B 117 21.49 -8.63 -24.54
N GLN B 118 21.19 -9.86 -24.08
CA GLN B 118 21.03 -10.99 -24.98
C GLN B 118 19.80 -10.86 -25.87
N LEU B 119 18.68 -10.43 -25.29
CA LEU B 119 17.45 -10.27 -26.06
C LEU B 119 17.62 -9.19 -27.12
N LYS B 120 18.48 -8.22 -26.83
CA LYS B 120 18.72 -7.12 -27.77
C LYS B 120 19.72 -7.46 -28.86
N ASN B 121 20.80 -8.14 -28.49
CA ASN B 121 21.85 -8.47 -29.45
C ASN B 121 21.93 -9.91 -29.95
N ASP B 122 21.29 -10.83 -29.25
CA ASP B 122 21.34 -12.24 -29.66
C ASP B 122 20.09 -12.99 -29.20
N PRO B 123 18.91 -12.56 -29.67
CA PRO B 123 17.61 -13.14 -29.33
C PRO B 123 17.43 -14.65 -29.57
N ASP B 124 18.20 -15.22 -30.47
CA ASP B 124 18.09 -16.65 -30.74
C ASP B 124 18.95 -17.47 -29.79
N SER B 125 19.61 -16.81 -28.85
CA SER B 125 20.46 -17.52 -27.89
C SER B 125 19.67 -18.58 -27.14
N ARG B 126 20.31 -19.72 -26.90
CA ARG B 126 19.68 -20.82 -26.18
C ARG B 126 20.08 -20.80 -24.71
N ARG B 127 20.61 -19.66 -24.25
CA ARG B 127 21.03 -19.55 -22.86
C ARG B 127 20.67 -18.20 -22.23
N ILE B 128 19.47 -17.71 -22.53
CA ILE B 128 19.00 -16.45 -21.97
C ILE B 128 18.35 -16.94 -20.68
N ILE B 129 19.17 -17.03 -19.63
CA ILE B 129 18.74 -17.59 -18.36
C ILE B 129 19.05 -16.75 -17.13
N VAL B 130 18.18 -16.86 -16.13
CA VAL B 130 18.39 -16.18 -14.85
C VAL B 130 18.21 -17.28 -13.81
N SER B 131 19.21 -17.47 -12.96
CA SER B 131 19.10 -18.48 -11.90
C SER B 131 19.26 -17.86 -10.53
N ALA B 132 18.42 -18.27 -9.61
CA ALA B 132 18.50 -17.80 -8.23
C ALA B 132 19.08 -18.92 -7.37
N TRP B 133 19.31 -20.08 -8.00
CA TRP B 133 19.84 -21.22 -7.25
C TRP B 133 21.36 -21.16 -7.10
N ASN B 134 21.80 -20.28 -6.20
CA ASN B 134 23.22 -20.12 -5.94
C ASN B 134 23.56 -21.05 -4.77
N VAL B 135 24.05 -22.23 -5.11
CA VAL B 135 24.39 -23.25 -4.15
C VAL B 135 25.24 -22.75 -3.00
N GLY B 136 26.20 -21.89 -3.31
CA GLY B 136 27.11 -21.38 -2.29
C GLY B 136 26.52 -20.35 -1.35
N GLU B 137 25.30 -19.91 -1.61
CA GLU B 137 24.67 -18.91 -0.75
C GLU B 137 23.36 -19.37 -0.12
N LEU B 138 22.94 -20.60 -0.38
CA LEU B 138 21.69 -21.12 0.17
C LEU B 138 21.61 -21.04 1.69
N ASP B 139 22.71 -21.38 2.37
CA ASP B 139 22.73 -21.35 3.82
C ASP B 139 22.55 -19.96 4.44
N LYS B 140 22.82 -18.92 3.65
CA LYS B 140 22.68 -17.55 4.14
C LYS B 140 21.30 -16.97 3.86
N MET B 141 20.52 -17.65 3.03
CA MET B 141 19.18 -17.20 2.67
C MET B 141 18.14 -17.53 3.72
N ALA B 142 17.18 -16.63 3.93
CA ALA B 142 16.11 -16.87 4.89
C ALA B 142 15.34 -18.11 4.44
N LEU B 143 15.35 -18.35 3.13
CA LEU B 143 14.68 -19.51 2.55
C LEU B 143 15.26 -19.77 1.17
N ALA B 144 15.31 -21.06 0.79
CA ALA B 144 15.85 -21.45 -0.51
C ALA B 144 14.86 -21.05 -1.61
N PRO B 145 15.36 -20.53 -2.74
CA PRO B 145 14.48 -20.11 -3.83
C PRO B 145 13.49 -21.18 -4.27
N CYS B 146 12.23 -20.79 -4.43
N CYS B 146 12.24 -20.77 -4.43
CA CYS B 146 11.19 -21.71 -4.87
CA CYS B 146 11.17 -21.65 -4.86
C CYS B 146 11.11 -21.60 -6.40
C CYS B 146 11.12 -21.59 -6.38
N HIS B 147 11.00 -20.38 -6.91
CA HIS B 147 11.00 -20.16 -8.35
C HIS B 147 12.51 -19.99 -8.53
N ALA B 148 13.15 -21.11 -8.83
CA ALA B 148 14.60 -21.22 -8.90
C ALA B 148 15.37 -20.76 -10.11
N PHE B 149 14.75 -20.86 -11.29
N PHE B 149 14.73 -20.77 -11.27
CA PHE B 149 15.47 -20.60 -12.53
CA PHE B 149 15.40 -20.28 -12.45
C PHE B 149 14.51 -20.41 -13.71
C PHE B 149 14.40 -20.19 -13.57
N PHE B 150 14.73 -19.40 -14.55
CA PHE B 150 13.86 -19.20 -15.71
C PHE B 150 14.65 -18.91 -16.97
N GLN B 151 14.05 -19.21 -18.10
CA GLN B 151 14.71 -19.03 -19.39
C GLN B 151 13.80 -18.33 -20.38
N PHE B 152 14.37 -17.44 -21.17
CA PHE B 152 13.62 -16.71 -22.17
C PHE B 152 13.85 -17.29 -23.55
N TYR B 153 12.91 -17.02 -24.44
CA TYR B 153 12.97 -17.53 -25.80
C TYR B 153 12.24 -16.58 -26.72
N VAL B 154 12.80 -16.36 -27.91
CA VAL B 154 12.17 -15.45 -28.86
C VAL B 154 11.93 -16.13 -30.20
N ALA B 155 10.71 -15.97 -30.71
CA ALA B 155 10.34 -16.54 -32.00
C ALA B 155 9.15 -15.77 -32.57
N ASP B 156 9.21 -15.49 -33.87
CA ASP B 156 8.13 -14.77 -34.54
C ASP B 156 7.78 -13.45 -33.86
N GLY B 157 8.81 -12.76 -33.36
CA GLY B 157 8.62 -11.48 -32.70
C GLY B 157 7.95 -11.57 -31.33
N LYS B 158 7.89 -12.77 -30.76
CA LYS B 158 7.27 -12.95 -29.46
C LYS B 158 8.24 -13.45 -28.41
N LEU B 159 8.12 -12.91 -27.19
CA LEU B 159 8.97 -13.29 -26.08
C LEU B 159 8.25 -14.32 -25.19
N SER B 160 8.88 -15.47 -24.99
CA SER B 160 8.32 -16.52 -24.13
C SER B 160 9.26 -16.69 -22.96
N CYS B 161 8.77 -17.34 -21.90
CA CYS B 161 9.58 -17.57 -20.71
C CYS B 161 9.13 -18.85 -20.03
N GLN B 162 10.09 -19.64 -19.58
CA GLN B 162 9.76 -20.86 -18.86
C GLN B 162 10.38 -20.77 -17.48
N LEU B 163 9.58 -21.06 -16.46
CA LEU B 163 10.02 -21.03 -15.08
C LEU B 163 10.07 -22.42 -14.48
N TYR B 164 11.12 -22.71 -13.71
CA TYR B 164 11.19 -24.00 -13.02
C TYR B 164 10.93 -23.70 -11.54
N GLN B 165 9.84 -24.23 -11.01
CA GLN B 165 9.47 -24.04 -9.61
C GLN B 165 9.71 -25.37 -8.90
N ARG B 166 10.72 -25.43 -8.02
CA ARG B 166 11.05 -26.67 -7.33
C ARG B 166 10.00 -27.19 -6.37
N SER B 167 9.22 -26.27 -5.80
CA SER B 167 8.20 -26.66 -4.83
C SER B 167 7.02 -25.73 -4.99
N CYS B 168 5.82 -26.27 -4.98
CA CYS B 168 4.66 -25.41 -5.17
C CYS B 168 3.40 -25.81 -4.42
N ASP B 169 2.89 -24.87 -3.63
CA ASP B 169 1.63 -25.04 -2.90
C ASP B 169 0.63 -24.61 -3.98
N VAL B 170 -0.06 -25.57 -4.60
CA VAL B 170 -1.00 -25.28 -5.67
C VAL B 170 -2.12 -24.30 -5.32
N PHE B 171 -2.64 -24.40 -4.11
CA PHE B 171 -3.73 -23.52 -3.74
C PHE B 171 -3.33 -22.08 -3.39
N LEU B 172 -2.36 -21.92 -2.49
CA LEU B 172 -1.94 -20.58 -2.10
C LEU B 172 -0.92 -19.87 -2.97
N GLY B 173 0.19 -20.54 -3.25
CA GLY B 173 1.23 -19.89 -4.02
C GLY B 173 1.17 -19.81 -5.53
N LEU B 174 0.70 -20.88 -6.16
CA LEU B 174 0.67 -20.92 -7.63
C LEU B 174 0.05 -19.73 -8.34
N PRO B 175 -1.17 -19.33 -7.95
CA PRO B 175 -1.78 -18.18 -8.65
C PRO B 175 -0.89 -16.94 -8.58
N PHE B 176 -0.27 -16.73 -7.42
CA PHE B 176 0.61 -15.59 -7.19
C PHE B 176 1.83 -15.68 -8.11
N ASN B 177 2.44 -16.86 -8.12
N ASN B 177 2.46 -16.85 -8.13
CA ASN B 177 3.63 -17.14 -8.93
CA ASN B 177 3.65 -17.07 -8.94
C ASN B 177 3.40 -16.92 -10.42
C ASN B 177 3.41 -16.90 -10.44
N ILE B 178 2.28 -17.42 -10.93
CA ILE B 178 1.97 -17.29 -12.35
C ILE B 178 1.81 -15.81 -12.72
N ALA B 179 1.05 -15.08 -11.91
CA ALA B 179 0.85 -13.65 -12.18
C ALA B 179 2.17 -12.87 -12.16
N SER B 180 3.02 -13.19 -11.19
CA SER B 180 4.30 -12.51 -11.04
C SER B 180 5.16 -12.63 -12.31
N TYR B 181 5.35 -13.85 -12.77
CA TYR B 181 6.17 -14.05 -13.95
C TYR B 181 5.52 -13.54 -15.23
N ALA B 182 4.19 -13.63 -15.30
CA ALA B 182 3.50 -13.12 -16.48
C ALA B 182 3.78 -11.62 -16.59
N LEU B 183 3.77 -10.94 -15.44
CA LEU B 183 4.06 -9.51 -15.40
C LEU B 183 5.47 -9.23 -15.89
N LEU B 184 6.42 -10.03 -15.42
CA LEU B 184 7.81 -9.84 -15.82
C LEU B 184 7.94 -10.00 -17.34
N VAL B 185 7.27 -11.00 -17.91
CA VAL B 185 7.34 -11.21 -19.36
C VAL B 185 6.84 -9.97 -20.10
N HIS B 186 5.70 -9.43 -19.66
CA HIS B 186 5.14 -8.23 -20.29
C HIS B 186 6.12 -7.07 -20.20
N MET B 187 6.77 -6.91 -19.05
CA MET B 187 7.74 -5.84 -18.85
C MET B 187 8.96 -6.00 -19.75
N MET B 188 9.50 -7.22 -19.80
N MET B 188 9.50 -7.21 -19.81
CA MET B 188 10.66 -7.52 -20.63
CA MET B 188 10.67 -7.44 -20.65
C MET B 188 10.32 -7.35 -22.11
C MET B 188 10.32 -7.31 -22.12
N ALA B 189 9.12 -7.77 -22.49
CA ALA B 189 8.68 -7.67 -23.87
C ALA B 189 8.53 -6.19 -24.29
N GLN B 190 8.04 -5.36 -23.37
CA GLN B 190 7.87 -3.95 -23.68
C GLN B 190 9.23 -3.29 -23.89
N GLN B 191 10.18 -3.62 -23.03
CA GLN B 191 11.52 -3.05 -23.12
C GLN B 191 12.26 -3.48 -24.38
N CYS B 192 11.91 -4.65 -24.91
CA CYS B 192 12.57 -5.18 -26.10
C CYS B 192 11.77 -5.00 -27.39
N ASP B 193 10.67 -4.25 -27.31
CA ASP B 193 9.83 -4.02 -28.49
C ASP B 193 9.38 -5.35 -29.09
N LEU B 194 8.97 -6.27 -28.22
CA LEU B 194 8.50 -7.58 -28.67
C LEU B 194 7.08 -7.83 -28.18
N GLU B 195 6.37 -8.72 -28.86
CA GLU B 195 5.02 -9.08 -28.47
C GLU B 195 5.20 -10.17 -27.42
N VAL B 196 4.18 -10.42 -26.61
CA VAL B 196 4.28 -11.46 -25.60
C VAL B 196 3.97 -12.83 -26.18
N GLY B 197 4.76 -13.83 -25.80
CA GLY B 197 4.55 -15.18 -26.28
C GLY B 197 3.86 -16.03 -25.22
N ASP B 198 4.47 -17.15 -24.86
CA ASP B 198 3.91 -18.04 -23.85
C ASP B 198 4.69 -18.00 -22.55
N PHE B 199 3.99 -18.22 -21.44
CA PHE B 199 4.66 -18.36 -20.17
C PHE B 199 4.49 -19.84 -19.90
N VAL B 200 5.59 -20.55 -19.75
CA VAL B 200 5.53 -21.97 -19.49
C VAL B 200 5.91 -22.20 -18.04
N TRP B 201 5.02 -22.82 -17.27
CA TRP B 201 5.27 -23.11 -15.86
C TRP B 201 5.62 -24.58 -15.70
N THR B 202 6.77 -24.86 -15.12
CA THR B 202 7.19 -26.24 -14.89
C THR B 202 7.41 -26.42 -13.40
N GLY B 203 6.77 -27.45 -12.85
CA GLY B 203 6.91 -27.68 -11.43
C GLY B 203 7.60 -28.96 -11.00
N GLY B 204 8.20 -28.89 -9.82
CA GLY B 204 8.85 -30.05 -9.22
C GLY B 204 7.83 -30.67 -8.29
N ASP B 205 8.05 -30.56 -6.98
CA ASP B 205 7.12 -31.12 -5.99
C ASP B 205 5.90 -30.19 -5.94
N THR B 206 4.82 -30.59 -6.61
CA THR B 206 3.59 -29.80 -6.71
C THR B 206 2.57 -30.43 -5.78
N HIS B 207 2.09 -29.65 -4.81
CA HIS B 207 1.20 -30.22 -3.81
C HIS B 207 0.03 -29.40 -3.30
N LEU B 208 -0.86 -30.09 -2.58
CA LEU B 208 -2.02 -29.47 -1.95
C LEU B 208 -1.94 -29.90 -0.48
N TYR B 209 -2.08 -28.94 0.43
CA TYR B 209 -2.04 -29.28 1.84
C TYR B 209 -3.36 -29.91 2.28
N SER B 210 -3.27 -30.86 3.20
CA SER B 210 -4.44 -31.58 3.69
C SER B 210 -5.53 -30.68 4.26
N ASN B 211 -5.17 -29.52 4.78
CA ASN B 211 -6.17 -28.63 5.35
C ASN B 211 -6.76 -27.64 4.35
N HIS B 212 -6.52 -27.86 3.07
CA HIS B 212 -7.05 -26.99 2.01
C HIS B 212 -7.97 -27.81 1.10
N MET B 213 -8.31 -29.03 1.50
CA MET B 213 -9.15 -29.88 0.68
C MET B 213 -10.53 -29.34 0.33
N ASP B 214 -11.23 -28.78 1.31
CA ASP B 214 -12.55 -28.22 1.08
C ASP B 214 -12.46 -27.01 0.18
N GLN B 215 -11.43 -26.20 0.39
CA GLN B 215 -11.22 -25.00 -0.41
C GLN B 215 -10.97 -25.40 -1.87
N THR B 216 -10.26 -26.50 -2.06
CA THR B 216 -9.95 -26.97 -3.40
C THR B 216 -11.20 -27.45 -4.11
N HIS B 217 -12.01 -28.26 -3.42
CA HIS B 217 -13.24 -28.76 -4.01
C HIS B 217 -14.17 -27.61 -4.36
N LEU B 218 -14.18 -26.57 -3.53
CA LEU B 218 -15.03 -25.42 -3.79
C LEU B 218 -14.58 -24.69 -5.05
N GLN B 219 -13.28 -24.41 -5.15
CA GLN B 219 -12.77 -23.71 -6.32
C GLN B 219 -12.97 -24.53 -7.60
N LEU B 220 -12.85 -25.85 -7.49
CA LEU B 220 -13.04 -26.72 -8.65
C LEU B 220 -14.49 -26.76 -9.12
N SER B 221 -15.41 -26.34 -8.28
CA SER B 221 -16.82 -26.34 -8.65
C SER B 221 -17.20 -25.08 -9.40
N ARG B 222 -16.24 -24.16 -9.52
CA ARG B 222 -16.47 -22.88 -10.19
C ARG B 222 -15.96 -22.89 -11.62
N GLU B 223 -16.68 -22.21 -12.50
CA GLU B 223 -16.30 -22.12 -13.91
C GLU B 223 -15.39 -20.93 -14.14
N PRO B 224 -14.25 -21.16 -14.81
CA PRO B 224 -13.32 -20.06 -15.08
C PRO B 224 -13.98 -19.02 -15.99
N ARG B 225 -13.61 -17.76 -15.80
CA ARG B 225 -14.18 -16.69 -16.60
C ARG B 225 -13.11 -16.08 -17.51
N PRO B 226 -13.55 -15.31 -18.53
CA PRO B 226 -12.58 -14.70 -19.44
C PRO B 226 -11.45 -14.01 -18.67
N LEU B 227 -10.23 -14.17 -19.16
CA LEU B 227 -9.08 -13.56 -18.51
C LEU B 227 -9.03 -12.05 -18.73
N PRO B 228 -8.51 -11.32 -17.75
CA PRO B 228 -8.40 -9.87 -17.84
C PRO B 228 -7.30 -9.47 -18.81
N LYS B 229 -7.11 -8.17 -18.98
CA LYS B 229 -6.09 -7.66 -19.88
C LYS B 229 -5.13 -6.76 -19.10
N LEU B 230 -3.83 -7.01 -19.26
CA LEU B 230 -2.84 -6.19 -18.57
C LEU B 230 -2.52 -4.96 -19.40
N ILE B 231 -2.55 -3.80 -18.75
CA ILE B 231 -2.24 -2.55 -19.41
C ILE B 231 -1.05 -1.87 -18.74
N ILE B 232 -0.05 -1.51 -19.54
CA ILE B 232 1.10 -0.80 -19.01
C ILE B 232 0.95 0.61 -19.59
N LYS B 233 0.58 1.54 -18.73
CA LYS B 233 0.32 2.92 -19.12
C LYS B 233 1.52 3.80 -19.46
N ARG B 234 2.71 3.22 -19.43
CA ARG B 234 3.92 3.99 -19.72
C ARG B 234 5.07 3.08 -20.11
N LYS B 235 5.97 3.58 -20.94
CA LYS B 235 7.13 2.79 -21.33
C LYS B 235 8.36 3.43 -20.68
N PRO B 236 8.82 2.86 -19.57
CA PRO B 236 9.99 3.35 -18.83
C PRO B 236 11.24 3.27 -19.69
N GLU B 237 12.27 4.04 -19.31
CA GLU B 237 13.52 4.07 -20.04
C GLU B 237 14.33 2.77 -19.86
N SER B 238 13.93 1.97 -18.88
CA SER B 238 14.62 0.71 -18.62
C SER B 238 13.78 -0.20 -17.76
N ILE B 239 14.21 -1.45 -17.65
CA ILE B 239 13.52 -2.47 -16.86
C ILE B 239 13.55 -2.14 -15.36
N PHE B 240 14.42 -1.22 -14.96
CA PHE B 240 14.56 -0.86 -13.56
C PHE B 240 13.81 0.40 -13.16
N ASP B 241 13.13 1.00 -14.13
CA ASP B 241 12.40 2.25 -13.87
C ASP B 241 10.88 2.15 -13.84
N TYR B 242 10.35 0.94 -13.69
CA TYR B 242 8.90 0.78 -13.63
C TYR B 242 8.41 1.22 -12.26
N ARG B 243 7.17 1.67 -12.21
CA ARG B 243 6.56 2.13 -10.97
C ARG B 243 5.23 1.43 -10.78
N PHE B 244 4.82 1.28 -9.53
CA PHE B 244 3.58 0.61 -9.21
C PHE B 244 2.39 1.08 -10.06
N GLU B 245 2.23 2.39 -10.18
CA GLU B 245 1.12 2.95 -10.93
C GLU B 245 1.12 2.71 -12.44
N ASP B 246 2.21 2.16 -12.97
CA ASP B 246 2.28 1.89 -14.40
C ASP B 246 1.40 0.73 -14.84
N PHE B 247 0.98 -0.08 -13.88
CA PHE B 247 0.17 -1.26 -14.19
C PHE B 247 -1.31 -1.14 -13.87
N GLU B 248 -2.13 -1.70 -14.75
CA GLU B 248 -3.58 -1.68 -14.58
C GLU B 248 -4.18 -2.95 -15.19
N ILE B 249 -5.08 -3.58 -14.45
CA ILE B 249 -5.75 -4.78 -14.91
C ILE B 249 -7.14 -4.41 -15.38
N GLU B 250 -7.46 -4.79 -16.61
CA GLU B 250 -8.74 -4.48 -17.21
C GLU B 250 -9.63 -5.71 -17.40
N GLY B 251 -10.91 -5.58 -17.06
CA GLY B 251 -11.85 -6.66 -17.22
C GLY B 251 -11.67 -7.88 -16.33
N TYR B 252 -11.25 -7.67 -15.09
CA TYR B 252 -11.06 -8.77 -14.15
C TYR B 252 -12.36 -8.95 -13.36
N ASP B 253 -13.01 -10.09 -13.55
CA ASP B 253 -14.27 -10.39 -12.88
C ASP B 253 -14.24 -11.80 -12.28
N PRO B 254 -13.50 -11.97 -11.17
CA PRO B 254 -13.38 -13.28 -10.52
C PRO B 254 -14.51 -13.66 -9.57
N HIS B 255 -14.51 -14.93 -9.17
CA HIS B 255 -15.45 -15.45 -8.20
C HIS B 255 -14.89 -14.92 -6.88
N PRO B 256 -15.65 -15.01 -5.79
CA PRO B 256 -15.12 -14.50 -4.51
C PRO B 256 -13.84 -15.17 -4.00
N GLY B 257 -13.09 -14.42 -3.20
CA GLY B 257 -11.86 -14.93 -2.63
C GLY B 257 -12.12 -16.12 -1.73
N ILE B 258 -11.13 -17.00 -1.62
CA ILE B 258 -11.23 -18.17 -0.77
C ILE B 258 -10.07 -18.17 0.20
N LYS B 259 -10.38 -18.17 1.49
CA LYS B 259 -9.36 -18.16 2.51
C LYS B 259 -8.81 -19.56 2.76
N ALA B 260 -7.49 -19.67 2.85
CA ALA B 260 -6.83 -20.94 3.09
C ALA B 260 -5.79 -20.71 4.20
N PRO B 261 -6.10 -21.14 5.43
CA PRO B 261 -5.19 -20.97 6.57
C PRO B 261 -4.01 -21.92 6.55
N VAL B 262 -2.97 -21.58 7.31
CA VAL B 262 -1.79 -22.41 7.37
C VAL B 262 -1.42 -22.71 8.82
N ALA B 263 -0.77 -23.85 9.04
CA ALA B 263 -0.35 -24.22 10.37
C ALA B 263 0.98 -23.56 10.66
N ILE B 264 1.36 -23.49 11.93
CA ILE B 264 2.64 -22.89 12.31
C ILE B 264 3.48 -23.90 13.08
N LYS C 2 -7.90 44.30 27.87
CA LYS C 2 -6.56 44.04 27.40
C LYS C 2 -6.51 43.13 26.16
N GLN C 3 -7.20 42.00 26.21
CA GLN C 3 -7.20 41.05 25.10
C GLN C 3 -7.72 41.71 23.82
N TYR C 4 -8.80 42.47 23.98
CA TYR C 4 -9.45 43.16 22.87
C TYR C 4 -8.54 44.23 22.25
N LEU C 5 -7.91 45.04 23.09
CA LEU C 5 -7.02 46.08 22.59
C LEU C 5 -5.81 45.48 21.89
N GLU C 6 -5.33 44.35 22.40
CA GLU C 6 -4.17 43.69 21.79
C GLU C 6 -4.51 43.19 20.39
N LEU C 7 -5.74 42.71 20.22
CA LEU C 7 -6.20 42.20 18.92
C LEU C 7 -6.31 43.38 17.96
N MET C 8 -6.90 44.45 18.45
CA MET C 8 -7.09 45.67 17.65
C MET C 8 -5.72 46.15 17.15
N GLN C 9 -4.74 46.18 18.04
CA GLN C 9 -3.39 46.61 17.67
C GLN C 9 -2.76 45.64 16.68
N LYS C 10 -3.06 44.36 16.84
CA LYS C 10 -2.50 43.35 15.95
C LYS C 10 -3.02 43.55 14.53
N VAL C 11 -4.31 43.83 14.40
CA VAL C 11 -4.87 44.04 13.07
C VAL C 11 -4.18 45.25 12.41
N LEU C 12 -3.92 46.29 13.20
CA LEU C 12 -3.27 47.48 12.68
C LEU C 12 -1.82 47.19 12.27
N ASP C 13 -1.11 46.46 13.12
CA ASP C 13 0.29 46.14 12.85
C ASP C 13 0.56 45.06 11.83
N GLU C 14 -0.29 44.04 11.78
CA GLU C 14 -0.06 42.92 10.86
C GLU C 14 -1.11 42.71 9.79
N GLY C 15 -2.22 43.44 9.87
CA GLY C 15 -3.28 43.28 8.89
C GLY C 15 -2.90 43.58 7.45
N THR C 16 -3.53 42.88 6.53
CA THR C 16 -3.30 43.07 5.10
C THR C 16 -4.46 43.86 4.53
N GLN C 17 -4.18 44.76 3.60
CA GLN C 17 -5.21 45.57 2.98
C GLN C 17 -5.99 44.78 1.93
N LYS C 18 -7.29 44.65 2.14
CA LYS C 18 -8.15 43.94 1.20
C LYS C 18 -9.57 44.46 1.34
N ASN C 19 -10.27 44.57 0.22
CA ASN C 19 -11.64 45.07 0.22
C ASN C 19 -12.65 44.06 0.75
N ASP C 20 -13.80 44.57 1.17
CA ASP C 20 -14.87 43.73 1.68
C ASP C 20 -15.75 43.37 0.49
N ARG C 21 -16.85 42.67 0.74
CA ARG C 21 -17.74 42.28 -0.34
C ARG C 21 -18.35 43.50 -1.01
N THR C 22 -17.73 43.92 -2.11
CA THR C 22 -18.17 45.07 -2.89
C THR C 22 -18.42 46.27 -1.99
N GLY C 23 -17.34 46.93 -1.58
CA GLY C 23 -17.49 48.08 -0.72
C GLY C 23 -16.23 48.58 -0.03
N THR C 24 -16.39 48.91 1.25
CA THR C 24 -15.31 49.43 2.08
C THR C 24 -14.12 48.51 2.26
N GLY C 25 -12.93 49.07 2.11
CA GLY C 25 -11.71 48.29 2.27
C GLY C 25 -11.46 48.01 3.75
N THR C 26 -10.62 47.02 4.02
CA THR C 26 -10.32 46.66 5.39
C THR C 26 -8.88 46.24 5.54
N LEU C 27 -8.46 46.10 6.79
CA LEU C 27 -7.14 45.60 7.13
C LEU C 27 -7.58 44.32 7.83
N SER C 28 -7.03 43.19 7.44
CA SER C 28 -7.47 41.97 8.11
C SER C 28 -6.38 40.95 8.37
N ILE C 29 -6.64 40.11 9.37
CA ILE C 29 -5.74 39.02 9.71
C ILE C 29 -6.64 37.80 9.72
N PHE C 30 -6.04 36.63 9.65
CA PHE C 30 -6.82 35.39 9.63
C PHE C 30 -6.36 34.48 10.76
N GLY C 31 -7.31 34.10 11.61
CA GLY C 31 -6.97 33.23 12.71
C GLY C 31 -6.40 33.96 13.90
N HIS C 32 -7.20 34.06 14.93
CA HIS C 32 -6.77 34.69 16.17
C HIS C 32 -7.60 34.04 17.26
N GLN C 33 -7.13 34.12 18.49
CA GLN C 33 -7.85 33.53 19.60
C GLN C 33 -7.58 34.30 20.87
N MET C 34 -8.65 34.54 21.64
CA MET C 34 -8.55 35.25 22.90
C MET C 34 -9.27 34.44 23.96
N ARG C 35 -8.82 34.56 25.20
CA ARG C 35 -9.44 33.83 26.30
C ARG C 35 -9.86 34.80 27.40
N PHE C 36 -11.08 34.64 27.88
CA PHE C 36 -11.63 35.46 28.94
C PHE C 36 -12.02 34.60 30.15
N ASN C 37 -11.27 34.73 31.24
CA ASN C 37 -11.61 33.97 32.45
C ASN C 37 -12.80 34.73 33.02
N LEU C 38 -13.98 34.13 32.88
CA LEU C 38 -15.21 34.78 33.35
C LEU C 38 -15.24 35.02 34.85
N GLN C 39 -14.30 34.41 35.56
CA GLN C 39 -14.21 34.56 37.00
C GLN C 39 -13.56 35.91 37.32
N ASP C 40 -12.89 36.49 36.33
CA ASP C 40 -12.23 37.78 36.50
C ASP C 40 -13.17 38.96 36.23
N GLY C 41 -14.41 38.66 35.88
CA GLY C 41 -15.38 39.70 35.60
C GLY C 41 -16.05 39.52 34.26
N PHE C 42 -17.20 40.15 34.08
CA PHE C 42 -17.94 40.04 32.82
C PHE C 42 -17.22 40.85 31.74
N PRO C 43 -16.85 40.20 30.63
CA PRO C 43 -16.15 40.86 29.52
C PRO C 43 -16.92 41.85 28.67
N LEU C 44 -17.24 43.00 29.25
CA LEU C 44 -17.94 44.06 28.54
C LEU C 44 -16.90 45.15 28.39
N VAL C 45 -16.49 45.45 27.17
N VAL C 45 -16.51 45.46 27.16
CA VAL C 45 -15.48 46.47 26.90
CA VAL C 45 -15.50 46.48 26.90
C VAL C 45 -15.69 47.74 27.72
C VAL C 45 -15.70 47.74 27.75
N THR C 46 -14.61 48.26 28.28
CA THR C 46 -14.65 49.47 29.10
C THR C 46 -14.02 50.66 28.41
N THR C 47 -13.27 50.42 27.33
CA THR C 47 -12.61 51.51 26.62
C THR C 47 -13.56 52.29 25.71
N LYS C 48 -14.84 51.92 25.77
CA LYS C 48 -15.89 52.59 25.03
C LYS C 48 -17.19 52.07 25.62
N ARG C 49 -18.19 52.95 25.73
CA ARG C 49 -19.46 52.55 26.31
C ARG C 49 -20.26 51.61 25.41
N CYS C 50 -20.72 50.51 26.01
N CYS C 50 -20.73 50.52 26.00
CA CYS C 50 -21.52 49.51 25.29
CA CYS C 50 -21.52 49.54 25.27
C CYS C 50 -22.79 49.19 26.07
C CYS C 50 -22.77 49.16 26.05
N HIS C 51 -23.90 49.11 25.35
CA HIS C 51 -25.18 48.80 25.97
C HIS C 51 -25.52 47.32 25.81
N LEU C 52 -26.08 46.73 26.87
CA LEU C 52 -26.45 45.32 26.85
C LEU C 52 -27.91 45.03 26.54
N ARG C 53 -28.73 46.08 26.50
N ARG C 53 -28.73 46.08 26.50
CA ARG C 53 -30.16 45.91 26.24
CA ARG C 53 -30.16 45.92 26.24
C ARG C 53 -30.46 45.07 25.00
C ARG C 53 -30.46 45.07 25.00
N SER C 54 -29.93 45.47 23.86
CA SER C 54 -30.16 44.74 22.61
C SER C 54 -29.52 43.35 22.65
N ILE C 55 -28.34 43.26 23.24
CA ILE C 55 -27.63 41.98 23.34
C ILE C 55 -28.46 40.96 24.12
N ILE C 56 -29.02 41.38 25.24
CA ILE C 56 -29.82 40.49 26.07
C ILE C 56 -31.09 40.06 25.31
N HIS C 57 -31.81 41.02 24.75
CA HIS C 57 -33.02 40.69 24.02
C HIS C 57 -32.71 39.74 22.85
N GLU C 58 -31.62 40.01 22.13
CA GLU C 58 -31.28 39.16 21.00
C GLU C 58 -31.02 37.72 21.45
N LEU C 59 -30.28 37.54 22.55
CA LEU C 59 -29.98 36.20 23.04
C LEU C 59 -31.25 35.45 23.47
N LEU C 60 -32.16 36.13 24.15
CA LEU C 60 -33.40 35.50 24.58
C LEU C 60 -34.20 35.10 23.34
N TRP C 61 -34.10 35.93 22.30
CA TRP C 61 -34.78 35.69 21.03
C TRP C 61 -34.17 34.45 20.36
N PHE C 62 -32.84 34.36 20.33
CA PHE C 62 -32.17 33.19 19.74
C PHE C 62 -32.66 31.92 20.44
N LEU C 63 -32.68 31.96 21.77
CA LEU C 63 -33.06 30.79 22.56
C LEU C 63 -34.50 30.32 22.33
N GLN C 64 -35.37 31.23 21.92
CA GLN C 64 -36.76 30.87 21.64
C GLN C 64 -36.90 30.21 20.28
N GLY C 65 -35.88 30.34 19.44
CA GLY C 65 -35.89 29.71 18.13
C GLY C 65 -36.77 30.31 17.04
N ASP C 66 -37.49 31.39 17.34
CA ASP C 66 -38.35 32.01 16.32
C ASP C 66 -37.49 33.06 15.64
N THR C 67 -37.43 33.02 14.31
CA THR C 67 -36.61 33.96 13.56
C THR C 67 -37.35 35.17 12.99
N ASN C 68 -38.60 35.37 13.40
CA ASN C 68 -39.34 36.55 12.95
C ASN C 68 -38.93 37.61 13.96
N ILE C 69 -38.79 38.85 13.52
CA ILE C 69 -38.36 39.92 14.41
C ILE C 69 -39.45 40.53 15.29
N ALA C 70 -40.64 39.93 15.30
CA ALA C 70 -41.75 40.43 16.10
C ALA C 70 -41.36 40.71 17.55
N TYR C 71 -40.77 39.72 18.21
CA TYR C 71 -40.37 39.88 19.60
C TYR C 71 -39.40 41.05 19.77
N LEU C 72 -38.44 41.17 18.85
CA LEU C 72 -37.48 42.25 18.94
C LEU C 72 -38.21 43.60 18.80
N HIS C 73 -39.16 43.66 17.87
CA HIS C 73 -39.93 44.90 17.66
C HIS C 73 -40.77 45.25 18.89
N GLU C 74 -41.40 44.24 19.48
CA GLU C 74 -42.23 44.45 20.67
C GLU C 74 -41.42 45.14 21.77
N ASN C 75 -40.10 44.96 21.72
CA ASN C 75 -39.21 45.55 22.71
C ASN C 75 -38.35 46.66 22.12
N ASN C 76 -38.73 47.16 20.96
CA ASN C 76 -38.01 48.21 20.26
C ASN C 76 -36.52 47.92 20.07
N VAL C 77 -36.22 46.69 19.65
CA VAL C 77 -34.85 46.28 19.36
C VAL C 77 -34.86 46.24 17.83
N THR C 78 -34.03 47.08 17.23
CA THR C 78 -34.01 47.23 15.77
C THR C 78 -32.79 46.72 15.01
N ILE C 79 -31.90 46.03 15.70
CA ILE C 79 -30.66 45.55 15.08
C ILE C 79 -30.82 44.57 13.91
N TRP C 80 -31.98 43.92 13.79
CA TRP C 80 -32.19 42.99 12.69
C TRP C 80 -33.12 43.54 11.62
N ASP C 81 -33.54 44.79 11.78
CA ASP C 81 -34.46 45.42 10.83
C ASP C 81 -33.98 45.48 9.39
N GLU C 82 -32.71 45.80 9.17
CA GLU C 82 -32.21 45.91 7.80
C GLU C 82 -32.17 44.60 7.03
N TRP C 83 -32.29 43.48 7.73
CA TRP C 83 -32.23 42.18 7.07
C TRP C 83 -33.57 41.47 6.91
N ALA C 84 -34.58 41.92 7.64
CA ALA C 84 -35.90 41.29 7.59
C ALA C 84 -36.75 41.77 6.43
N ASP C 85 -37.58 40.87 5.89
CA ASP C 85 -38.47 41.23 4.79
C ASP C 85 -39.70 41.92 5.35
N GLU C 86 -40.65 42.26 4.48
CA GLU C 86 -41.87 42.94 4.91
C GLU C 86 -42.63 42.22 6.01
N ASN C 87 -42.55 40.89 6.03
CA ASN C 87 -43.24 40.11 7.04
C ASN C 87 -42.46 40.00 8.35
N GLY C 88 -41.24 40.50 8.34
CA GLY C 88 -40.41 40.45 9.53
C GLY C 88 -39.65 39.15 9.66
N ASP C 89 -39.58 38.40 8.56
CA ASP C 89 -38.86 37.13 8.54
C ASP C 89 -37.42 37.25 8.07
N LEU C 90 -36.56 36.39 8.61
CA LEU C 90 -35.13 36.37 8.29
C LEU C 90 -34.71 35.06 7.68
N GLY C 91 -35.62 34.12 7.60
CA GLY C 91 -35.22 32.83 7.07
C GLY C 91 -34.68 32.05 8.26
N PRO C 92 -34.19 30.83 8.05
CA PRO C 92 -33.65 29.95 9.10
C PRO C 92 -32.29 30.33 9.70
N VAL C 93 -32.18 31.56 10.21
CA VAL C 93 -30.93 32.00 10.81
C VAL C 93 -30.76 31.42 12.22
N TYR C 94 -29.70 31.86 12.89
CA TYR C 94 -29.31 31.42 14.23
C TYR C 94 -30.30 30.61 15.05
N GLY C 95 -31.30 31.29 15.60
CA GLY C 95 -32.30 30.64 16.43
C GLY C 95 -32.93 29.39 15.86
N LYS C 96 -33.23 29.41 14.57
CA LYS C 96 -33.85 28.27 13.93
C LYS C 96 -32.92 27.06 13.95
N GLN C 97 -31.64 27.30 13.71
CA GLN C 97 -30.67 26.21 13.70
C GLN C 97 -30.40 25.72 15.12
N TRP C 98 -30.32 26.64 16.07
CA TRP C 98 -30.09 26.29 17.46
C TRP C 98 -31.15 25.41 18.06
N ARG C 99 -32.40 25.70 17.71
CA ARG C 99 -33.56 25.01 18.29
C ARG C 99 -34.32 24.03 17.42
N ALA C 100 -34.15 24.12 16.11
CA ALA C 100 -34.90 23.27 15.19
C ALA C 100 -34.17 22.99 13.89
N TRP C 101 -32.92 22.56 14.00
CA TRP C 101 -32.12 22.22 12.82
C TRP C 101 -32.88 21.13 12.04
N PRO C 102 -33.22 21.41 10.78
CA PRO C 102 -33.95 20.44 9.95
C PRO C 102 -33.07 19.30 9.43
N THR C 103 -33.53 18.06 9.65
CA THR C 103 -32.79 16.87 9.19
C THR C 103 -33.36 16.46 7.83
N PRO C 104 -32.62 15.60 7.11
CA PRO C 104 -33.14 15.19 5.80
C PRO C 104 -34.45 14.39 5.91
N ASP C 105 -34.64 13.68 7.02
CA ASP C 105 -35.84 12.87 7.20
C ASP C 105 -37.06 13.55 7.82
N GLY C 106 -37.04 14.88 7.90
CA GLY C 106 -38.18 15.60 8.42
C GLY C 106 -38.19 15.98 9.89
N ARG C 107 -37.14 15.66 10.62
CA ARG C 107 -37.10 16.00 12.04
C ARG C 107 -36.47 17.37 12.24
N HIS C 108 -36.64 17.92 13.45
CA HIS C 108 -36.08 19.22 13.80
C HIS C 108 -35.34 19.04 15.11
N ILE C 109 -34.03 19.24 15.06
CA ILE C 109 -33.16 19.03 16.20
C ILE C 109 -32.91 20.25 17.10
N ASP C 110 -33.28 20.08 18.36
CA ASP C 110 -33.10 21.10 19.39
C ASP C 110 -31.68 20.93 19.95
N GLN C 111 -30.74 21.70 19.43
CA GLN C 111 -29.36 21.59 19.88
C GLN C 111 -29.13 22.15 21.27
N ILE C 112 -29.93 23.13 21.67
CA ILE C 112 -29.76 23.71 22.99
C ILE C 112 -30.16 22.67 24.05
N THR C 113 -31.30 22.03 23.86
CA THR C 113 -31.73 21.02 24.82
C THR C 113 -30.73 19.87 24.82
N THR C 114 -30.23 19.52 23.64
CA THR C 114 -29.24 18.45 23.53
C THR C 114 -28.00 18.77 24.38
N VAL C 115 -27.49 19.99 24.26
CA VAL C 115 -26.30 20.39 25.00
C VAL C 115 -26.55 20.35 26.51
N LEU C 116 -27.72 20.78 26.94
CA LEU C 116 -28.04 20.74 28.37
C LEU C 116 -28.14 19.30 28.85
N ASN C 117 -28.67 18.42 28.02
CA ASN C 117 -28.77 17.01 28.38
C ASN C 117 -27.35 16.46 28.57
N GLN C 118 -26.45 16.85 27.68
CA GLN C 118 -25.06 16.41 27.76
C GLN C 118 -24.33 16.93 28.99
N LEU C 119 -24.51 18.20 29.29
CA LEU C 119 -23.85 18.79 30.44
C LEU C 119 -24.35 18.15 31.74
N LYS C 120 -25.61 17.73 31.74
CA LYS C 120 -26.22 17.10 32.91
C LYS C 120 -25.84 15.63 33.07
N ASN C 121 -25.85 14.89 31.97
CA ASN C 121 -25.55 13.45 32.03
C ASN C 121 -24.18 13.00 31.56
N ASP C 122 -23.50 13.82 30.76
CA ASP C 122 -22.19 13.42 30.26
C ASP C 122 -21.29 14.65 30.06
N PRO C 123 -21.00 15.37 31.16
CA PRO C 123 -20.17 16.58 31.15
C PRO C 123 -18.77 16.47 30.55
N ASP C 124 -18.19 15.28 30.54
CA ASP C 124 -16.86 15.13 29.96
C ASP C 124 -16.89 14.88 28.46
N SER C 125 -18.09 14.89 27.87
CA SER C 125 -18.23 14.67 26.44
C SER C 125 -17.39 15.66 25.65
N ARG C 126 -16.77 15.18 24.57
CA ARG C 126 -15.95 16.05 23.72
C ARG C 126 -16.75 16.50 22.50
N ARG C 127 -18.07 16.40 22.59
CA ARG C 127 -18.93 16.80 21.48
C ARG C 127 -20.17 17.58 21.90
N ILE C 128 -20.00 18.43 22.92
CA ILE C 128 -21.11 19.27 23.40
C ILE C 128 -21.01 20.49 22.49
N ILE C 129 -21.68 20.38 21.34
CA ILE C 129 -21.59 21.39 20.31
C ILE C 129 -22.93 21.91 19.78
N VAL C 130 -22.94 23.16 19.36
CA VAL C 130 -24.10 23.78 18.73
C VAL C 130 -23.57 24.41 17.45
N SER C 131 -24.15 24.05 16.31
CA SER C 131 -23.72 24.64 15.05
C SER C 131 -24.89 25.33 14.36
N ALA C 132 -24.62 26.51 13.81
CA ALA C 132 -25.64 27.24 13.08
C ALA C 132 -25.29 27.12 11.59
N TRP C 133 -24.15 26.50 11.30
CA TRP C 133 -23.72 26.38 9.90
C TRP C 133 -24.40 25.24 9.17
N ASN C 134 -25.66 25.46 8.84
CA ASN C 134 -26.44 24.45 8.13
C ASN C 134 -26.29 24.74 6.64
N VAL C 135 -25.34 24.05 6.02
CA VAL C 135 -25.03 24.22 4.61
C VAL C 135 -26.25 24.21 3.71
N GLY C 136 -27.17 23.29 3.99
CA GLY C 136 -28.36 23.14 3.17
C GLY C 136 -29.40 24.22 3.31
N GLU C 137 -29.22 25.12 4.27
CA GLU C 137 -30.18 26.20 4.49
C GLU C 137 -29.58 27.58 4.32
N LEU C 138 -28.29 27.66 4.01
CA LEU C 138 -27.62 28.94 3.85
C LEU C 138 -28.32 29.86 2.86
N ASP C 139 -28.72 29.32 1.72
CA ASP C 139 -29.38 30.11 0.69
C ASP C 139 -30.71 30.74 1.10
N LYS C 140 -31.36 30.17 2.12
CA LYS C 140 -32.64 30.70 2.59
C LYS C 140 -32.48 31.75 3.69
N MET C 141 -31.28 31.82 4.27
CA MET C 141 -31.02 32.78 5.34
C MET C 141 -30.80 34.21 4.84
N ALA C 142 -31.25 35.20 5.60
CA ALA C 142 -31.07 36.60 5.22
C ALA C 142 -29.56 36.86 5.16
N LEU C 143 -28.81 36.18 6.04
CA LEU C 143 -27.37 36.30 6.07
C LEU C 143 -26.75 35.01 6.60
N ALA C 144 -25.55 34.67 6.15
CA ALA C 144 -24.88 33.46 6.62
C ALA C 144 -24.38 33.69 8.04
N PRO C 145 -24.53 32.68 8.91
CA PRO C 145 -24.10 32.79 10.31
C PRO C 145 -22.67 33.28 10.47
N CYS C 146 -22.47 34.28 11.33
N CYS C 146 -22.50 34.28 11.33
CA CYS C 146 -21.14 34.81 11.59
CA CYS C 146 -21.18 34.84 11.61
C CYS C 146 -20.54 34.04 12.77
C CYS C 146 -20.56 34.02 12.75
N HIS C 147 -21.28 33.94 13.87
CA HIS C 147 -20.81 33.16 15.01
C HIS C 147 -21.45 31.83 14.59
N ALA C 148 -20.64 31.05 13.91
CA ALA C 148 -21.05 29.80 13.29
C ALA C 148 -21.20 28.53 14.09
N PHE C 149 -20.43 28.40 15.16
N PHE C 149 -20.35 28.38 15.10
CA PHE C 149 -20.59 27.24 16.00
CA PHE C 149 -20.29 27.11 15.84
C PHE C 149 -19.82 27.45 17.27
C PHE C 149 -19.62 27.28 17.21
N PHE C 150 -20.19 26.69 18.27
CA PHE C 150 -19.57 26.79 19.57
C PHE C 150 -19.57 25.46 20.30
N GLN C 151 -18.60 25.30 21.20
CA GLN C 151 -18.45 24.06 21.94
C GLN C 151 -18.28 24.33 23.42
N PHE C 152 -18.90 23.49 24.25
CA PHE C 152 -18.81 23.62 25.70
C PHE C 152 -17.82 22.60 26.26
N TYR C 153 -17.32 22.90 27.44
CA TYR C 153 -16.34 22.04 28.10
C TYR C 153 -16.49 22.20 29.60
N VAL C 154 -16.33 21.12 30.34
CA VAL C 154 -16.46 21.18 31.78
C VAL C 154 -15.24 20.58 32.46
N ALA C 155 -14.67 21.35 33.39
CA ALA C 155 -13.50 20.90 34.15
C ALA C 155 -13.50 21.57 35.51
N ASP C 156 -13.25 20.80 36.55
CA ASP C 156 -13.20 21.32 37.91
C ASP C 156 -14.44 22.12 38.29
N GLY C 157 -15.60 21.64 37.88
CA GLY C 157 -16.85 22.30 38.19
C GLY C 157 -17.09 23.63 37.50
N LYS C 158 -16.34 23.90 36.43
CA LYS C 158 -16.49 25.14 35.69
C LYS C 158 -16.87 24.89 34.24
N LEU C 159 -17.79 25.71 33.73
CA LEU C 159 -18.25 25.60 32.35
C LEU C 159 -17.51 26.60 31.45
N SER C 160 -16.87 26.07 30.41
CA SER C 160 -16.16 26.91 29.46
C SER C 160 -16.86 26.77 28.11
N CYS C 161 -16.60 27.70 27.20
CA CYS C 161 -17.21 27.67 25.88
C CYS C 161 -16.28 28.31 24.87
N GLN C 162 -16.17 27.70 23.70
CA GLN C 162 -15.35 28.26 22.63
C GLN C 162 -16.25 28.53 21.44
N LEU C 163 -16.14 29.73 20.90
CA LEU C 163 -16.94 30.13 19.75
C LEU C 163 -16.04 30.32 18.53
N TYR C 164 -16.52 29.88 17.38
CA TYR C 164 -15.77 30.09 16.15
C TYR C 164 -16.55 31.15 15.37
N GLN C 165 -15.91 32.29 15.14
CA GLN C 165 -16.53 33.38 14.39
C GLN C 165 -15.82 33.45 13.03
N ARG C 166 -16.52 33.12 11.96
CA ARG C 166 -15.90 33.12 10.62
C ARG C 166 -15.48 34.50 10.12
N SER C 167 -16.21 35.53 10.54
CA SER C 167 -15.91 36.88 10.08
C SER C 167 -16.18 37.84 11.22
N CYS C 168 -15.31 38.80 11.42
CA CYS C 168 -15.49 39.73 12.51
C CYS C 168 -15.03 41.16 12.29
N ASP C 169 -15.94 42.11 12.49
CA ASP C 169 -15.64 43.54 12.40
C ASP C 169 -15.16 43.80 13.83
N VAL C 170 -13.85 43.94 14.03
CA VAL C 170 -13.30 44.14 15.36
C VAL C 170 -13.83 45.35 16.14
N PHE C 171 -14.11 46.44 15.44
CA PHE C 171 -14.61 47.63 16.13
C PHE C 171 -16.09 47.59 16.51
N LEU C 172 -16.97 47.37 15.54
CA LEU C 172 -18.39 47.35 15.81
C LEU C 172 -18.98 46.06 16.37
N GLY C 173 -18.69 44.94 15.72
CA GLY C 173 -19.28 43.70 16.17
C GLY C 173 -18.67 42.93 17.32
N LEU C 174 -17.34 42.88 17.40
CA LEU C 174 -16.69 42.08 18.42
C LEU C 174 -17.14 42.28 19.87
N PRO C 175 -17.19 43.54 20.36
CA PRO C 175 -17.62 43.75 21.74
C PRO C 175 -19.00 43.15 22.01
N PHE C 176 -19.89 43.29 21.04
CA PHE C 176 -21.25 42.78 21.12
C PHE C 176 -21.22 41.26 21.22
N ASN C 177 -20.47 40.64 20.30
N ASN C 177 -20.48 40.64 20.30
CA ASN C 177 -20.34 39.20 20.22
CA ASN C 177 -20.36 39.18 20.25
C ASN C 177 -19.80 38.58 21.51
C ASN C 177 -19.80 38.58 21.53
N ILE C 178 -18.74 39.17 22.07
CA ILE C 178 -18.15 38.66 23.30
C ILE C 178 -19.16 38.72 24.44
N ALA C 179 -19.85 39.85 24.59
CA ALA C 179 -20.83 39.98 25.65
C ALA C 179 -21.96 38.96 25.51
N SER C 180 -22.43 38.77 24.28
CA SER C 180 -23.52 37.84 24.02
C SER C 180 -23.21 36.43 24.51
N TYR C 181 -22.08 35.89 24.10
CA TYR C 181 -21.72 34.54 24.50
C TYR C 181 -21.34 34.44 25.96
N ALA C 182 -20.78 35.50 26.53
CA ALA C 182 -20.43 35.47 27.95
C ALA C 182 -21.73 35.31 28.73
N LEU C 183 -22.78 36.01 28.30
CA LEU C 183 -24.09 35.90 28.94
C LEU C 183 -24.61 34.47 28.85
N LEU C 184 -24.52 33.89 27.66
CA LEU C 184 -25.00 32.53 27.47
C LEU C 184 -24.27 31.56 28.40
N VAL C 185 -22.96 31.68 28.52
CA VAL C 185 -22.21 30.79 29.41
C VAL C 185 -22.72 30.92 30.84
N HIS C 186 -22.95 32.14 31.30
CA HIS C 186 -23.46 32.35 32.66
C HIS C 186 -24.83 31.69 32.85
N MET C 187 -25.68 31.79 31.83
CA MET C 187 -27.02 31.19 31.89
C MET C 187 -26.96 29.67 31.90
N MET C 188 -26.14 29.10 31.02
CA MET C 188 -26.00 27.65 30.96
C MET C 188 -25.39 27.12 32.26
N ALA C 189 -24.38 27.82 32.77
CA ALA C 189 -23.72 27.41 34.01
C ALA C 189 -24.69 27.45 35.19
N GLN C 190 -25.54 28.49 35.23
CA GLN C 190 -26.50 28.58 36.31
C GLN C 190 -27.48 27.42 36.25
N GLN C 191 -27.92 27.09 35.04
CA GLN C 191 -28.87 26.00 34.86
C GLN C 191 -28.26 24.65 35.22
N CYS C 192 -26.95 24.51 35.05
CA CYS C 192 -26.27 23.25 35.34
C CYS C 192 -25.57 23.20 36.68
N ASP C 193 -25.79 24.22 37.52
CA ASP C 193 -25.18 24.29 38.83
C ASP C 193 -23.66 24.21 38.73
N LEU C 194 -23.11 24.98 37.79
CA LEU C 194 -21.67 25.03 37.57
C LEU C 194 -21.15 26.45 37.71
N GLU C 195 -19.86 26.59 38.00
CA GLU C 195 -19.25 27.89 38.09
C GLU C 195 -18.88 28.24 36.65
N VAL C 196 -18.57 29.49 36.38
CA VAL C 196 -18.20 29.88 35.02
C VAL C 196 -16.70 29.71 34.83
N GLY C 197 -16.32 29.21 33.66
CA GLY C 197 -14.92 29.01 33.36
C GLY C 197 -14.42 30.07 32.40
N ASP C 198 -13.89 29.63 31.27
CA ASP C 198 -13.37 30.56 30.27
C ASP C 198 -14.26 30.66 29.04
N PHE C 199 -14.27 31.84 28.42
CA PHE C 199 -14.97 31.99 27.16
C PHE C 199 -13.80 32.17 26.21
N VAL C 200 -13.68 31.26 25.25
CA VAL C 200 -12.60 31.32 24.27
C VAL C 200 -13.17 31.77 22.95
N TRP C 201 -12.66 32.91 22.43
CA TRP C 201 -13.11 33.46 21.16
C TRP C 201 -12.09 33.15 20.09
N THR C 202 -12.53 32.52 19.00
CA THR C 202 -11.63 32.19 17.91
C THR C 202 -12.20 32.80 16.65
N GLY C 203 -11.37 33.52 15.92
CA GLY C 203 -11.85 34.17 14.72
C GLY C 203 -11.21 33.74 13.42
N GLY C 204 -11.98 33.89 12.34
CA GLY C 204 -11.48 33.60 11.02
C GLY C 204 -10.99 34.92 10.45
N ASP C 205 -11.73 35.49 9.49
CA ASP C 205 -11.36 36.77 8.89
C ASP C 205 -11.70 37.88 9.88
N THR C 206 -10.68 38.35 10.60
CA THR C 206 -10.83 39.36 11.64
C THR C 206 -10.31 40.69 11.06
N HIS C 207 -11.19 41.67 10.98
CA HIS C 207 -10.81 42.92 10.32
C HIS C 207 -11.27 44.24 10.92
N LEU C 208 -10.67 45.31 10.41
CA LEU C 208 -11.00 46.68 10.79
C LEU C 208 -11.31 47.42 9.48
N TYR C 209 -12.43 48.12 9.44
CA TYR C 209 -12.78 48.86 8.23
C TYR C 209 -11.94 50.13 8.11
N SER C 210 -11.60 50.49 6.88
CA SER C 210 -10.78 51.67 6.62
C SER C 210 -11.37 52.97 7.18
N ASN C 211 -12.68 53.05 7.26
CA ASN C 211 -13.30 54.27 7.78
C ASN C 211 -13.46 54.27 9.30
N HIS C 212 -12.84 53.31 9.96
CA HIS C 212 -12.89 53.22 11.43
C HIS C 212 -11.49 53.40 12.03
N MET C 213 -10.53 53.84 11.22
CA MET C 213 -9.16 54.01 11.70
C MET C 213 -8.98 55.02 12.84
N ASP C 214 -9.59 56.20 12.71
CA ASP C 214 -9.48 57.23 13.75
C ASP C 214 -10.11 56.74 15.05
N GLN C 215 -11.25 56.08 14.94
CA GLN C 215 -11.96 55.56 16.10
C GLN C 215 -11.11 54.50 16.81
N THR C 216 -10.40 53.70 16.03
CA THR C 216 -9.55 52.65 16.56
C THR C 216 -8.39 53.25 17.35
N HIS C 217 -7.71 54.22 16.74
CA HIS C 217 -6.59 54.88 17.40
C HIS C 217 -7.04 55.51 18.71
N LEU C 218 -8.24 56.09 18.70
CA LEU C 218 -8.76 56.73 19.91
C LEU C 218 -8.98 55.70 21.02
N GLN C 219 -9.68 54.62 20.71
CA GLN C 219 -9.94 53.61 21.72
C GLN C 219 -8.64 53.01 22.26
N LEU C 220 -7.64 52.85 21.39
CA LEU C 220 -6.35 52.30 21.79
C LEU C 220 -5.57 53.24 22.69
N SER C 221 -5.99 54.50 22.76
CA SER C 221 -5.29 55.48 23.60
C SER C 221 -5.90 55.48 25.00
N ARG C 222 -6.95 54.70 25.19
CA ARG C 222 -7.61 54.62 26.48
C ARG C 222 -7.20 53.40 27.27
N GLU C 223 -7.12 53.58 28.59
CA GLU C 223 -6.74 52.50 29.49
C GLU C 223 -7.96 51.70 29.94
N PRO C 224 -7.91 50.37 29.78
CA PRO C 224 -9.04 49.54 30.18
C PRO C 224 -9.25 49.60 31.69
N ARG C 225 -10.49 49.58 32.11
CA ARG C 225 -10.82 49.65 33.53
C ARG C 225 -11.30 48.30 34.06
N PRO C 226 -11.35 48.14 35.39
CA PRO C 226 -11.81 46.86 35.94
C PRO C 226 -13.14 46.44 35.34
N LEU C 227 -13.25 45.16 35.01
CA LEU C 227 -14.47 44.65 34.41
C LEU C 227 -15.63 44.63 35.40
N PRO C 228 -16.86 44.78 34.89
CA PRO C 228 -18.06 44.77 35.73
C PRO C 228 -18.39 43.36 36.18
N LYS C 229 -19.47 43.23 36.94
CA LYS C 229 -19.91 41.93 37.42
C LYS C 229 -21.34 41.68 36.94
N LEU C 230 -21.58 40.47 36.42
CA LEU C 230 -22.92 40.14 35.96
C LEU C 230 -23.72 39.54 37.10
N ILE C 231 -24.96 40.00 37.25
CA ILE C 231 -25.82 39.50 38.30
C ILE C 231 -27.10 38.92 37.68
N ILE C 232 -27.42 37.68 38.07
CA ILE C 232 -28.64 37.05 37.60
C ILE C 232 -29.48 37.00 38.87
N LYS C 233 -30.51 37.84 38.91
CA LYS C 233 -31.39 38.00 40.08
C LYS C 233 -32.36 36.86 40.35
N ARG C 234 -32.40 35.87 39.47
CA ARG C 234 -33.33 34.77 39.63
C ARG C 234 -32.81 33.53 38.91
N LYS C 235 -33.24 32.35 39.36
CA LYS C 235 -32.84 31.12 38.72
C LYS C 235 -34.08 30.49 38.08
N PRO C 236 -34.27 30.70 36.77
CA PRO C 236 -35.41 30.17 36.03
C PRO C 236 -35.41 28.64 36.08
N GLU C 237 -36.57 28.05 35.82
CA GLU C 237 -36.71 26.60 35.84
C GLU C 237 -36.04 25.93 34.65
N SER C 238 -35.70 26.73 33.64
CA SER C 238 -35.03 26.19 32.45
C SER C 238 -34.37 27.31 31.66
N ILE C 239 -33.51 26.91 30.72
CA ILE C 239 -32.78 27.83 29.87
C ILE C 239 -33.69 28.68 28.98
N PHE C 240 -34.94 28.26 28.82
CA PHE C 240 -35.89 28.97 27.97
C PHE C 240 -36.82 29.91 28.73
N ASP C 241 -36.62 30.02 30.04
CA ASP C 241 -37.47 30.87 30.87
C ASP C 241 -36.82 32.12 31.42
N TYR C 242 -35.68 32.53 30.88
CA TYR C 242 -35.05 33.75 31.35
C TYR C 242 -35.83 34.95 30.83
N ARG C 243 -35.74 36.05 31.56
CA ARG C 243 -36.43 37.28 31.19
C ARG C 243 -35.44 38.43 31.22
N PHE C 244 -35.72 39.46 30.42
CA PHE C 244 -34.84 40.61 30.35
C PHE C 244 -34.43 41.16 31.71
N GLU C 245 -35.41 41.35 32.59
CA GLU C 245 -35.13 41.89 33.92
C GLU C 245 -34.30 41.02 34.85
N ASP C 246 -34.04 39.76 34.45
CA ASP C 246 -33.25 38.87 35.28
C ASP C 246 -31.78 39.24 35.34
N PHE C 247 -31.34 40.06 34.39
CA PHE C 247 -29.93 40.44 34.32
C PHE C 247 -29.62 41.85 34.78
N GLU C 248 -28.50 41.99 35.48
CA GLU C 248 -28.04 43.27 35.97
C GLU C 248 -26.53 43.33 35.95
N ILE C 249 -25.98 44.44 35.47
CA ILE C 249 -24.53 44.63 35.41
C ILE C 249 -24.13 45.56 36.54
N GLU C 250 -23.16 45.12 37.33
CA GLU C 250 -22.69 45.88 38.47
C GLU C 250 -21.25 46.34 38.30
N GLY C 251 -21.00 47.60 38.62
CA GLY C 251 -19.64 48.14 38.53
C GLY C 251 -19.12 48.45 37.14
N TYR C 252 -19.99 48.79 36.20
CA TYR C 252 -19.56 49.11 34.85
C TYR C 252 -19.28 50.61 34.72
N ASP C 253 -18.00 50.95 34.54
CA ASP C 253 -17.57 52.34 34.43
C ASP C 253 -16.70 52.53 33.18
N PRO C 254 -17.31 52.51 32.00
CA PRO C 254 -16.58 52.67 30.74
C PRO C 254 -16.26 54.11 30.35
N HIS C 255 -15.39 54.25 29.34
CA HIS C 255 -15.03 55.53 28.78
C HIS C 255 -16.23 55.84 27.90
N PRO C 256 -16.35 57.07 27.39
CA PRO C 256 -17.50 57.39 26.54
C PRO C 256 -17.61 56.59 25.24
N GLY C 257 -18.84 56.39 24.77
CA GLY C 257 -19.06 55.65 23.55
C GLY C 257 -18.38 56.28 22.36
N ILE C 258 -18.06 55.46 21.36
CA ILE C 258 -17.41 55.91 20.15
C ILE C 258 -18.25 55.47 18.96
N LYS C 259 -18.72 56.45 18.18
CA LYS C 259 -19.53 56.14 17.02
C LYS C 259 -18.66 55.73 15.84
N ALA C 260 -19.10 54.71 15.12
CA ALA C 260 -18.39 54.22 13.93
C ALA C 260 -19.45 53.99 12.86
N PRO C 261 -19.49 54.88 11.86
CA PRO C 261 -20.47 54.76 10.77
C PRO C 261 -20.15 53.68 9.75
N VAL C 262 -21.14 53.30 8.96
CA VAL C 262 -20.95 52.27 7.95
C VAL C 262 -21.41 52.77 6.59
N ALA C 263 -20.81 52.25 5.53
CA ALA C 263 -21.20 52.64 4.19
C ALA C 263 -22.36 51.75 3.77
N ILE C 264 -23.11 52.17 2.76
CA ILE C 264 -24.23 51.36 2.28
C ILE C 264 -24.04 51.01 0.81
N LYS D 2 8.35 22.97 16.83
CA LYS D 2 8.29 23.89 17.96
C LYS D 2 6.87 24.08 18.49
N GLN D 3 5.95 24.46 17.61
CA GLN D 3 4.56 24.69 18.00
C GLN D 3 3.96 23.46 18.68
N TYR D 4 4.21 22.31 18.08
CA TYR D 4 3.69 21.04 18.58
C TYR D 4 4.24 20.68 19.97
N LEU D 5 5.55 20.82 20.17
CA LEU D 5 6.14 20.51 21.46
C LEU D 5 5.63 21.49 22.52
N GLU D 6 5.45 22.75 22.12
CA GLU D 6 4.94 23.76 23.04
C GLU D 6 3.55 23.36 23.55
N LEU D 7 2.71 22.88 22.64
CA LEU D 7 1.36 22.46 23.03
C LEU D 7 1.45 21.25 23.95
N MET D 8 2.31 20.31 23.59
CA MET D 8 2.48 19.09 24.38
C MET D 8 2.87 19.48 25.82
N GLN D 9 3.82 20.41 25.93
CA GLN D 9 4.28 20.87 27.24
C GLN D 9 3.17 21.60 27.98
N LYS D 10 2.35 22.35 27.23
CA LYS D 10 1.25 23.09 27.80
C LYS D 10 0.24 22.16 28.45
N VAL D 11 -0.07 21.05 27.77
CA VAL D 11 -1.02 20.09 28.31
C VAL D 11 -0.48 19.51 29.61
N LEU D 12 0.80 19.18 29.62
CA LEU D 12 1.43 18.63 30.81
C LEU D 12 1.39 19.63 31.96
N ASP D 13 1.75 20.87 31.67
CA ASP D 13 1.79 21.91 32.70
C ASP D 13 0.45 22.45 33.18
N GLU D 14 -0.49 22.66 32.27
CA GLU D 14 -1.77 23.23 32.65
C GLU D 14 -2.98 22.29 32.54
N GLY D 15 -2.78 21.12 31.95
CA GLY D 15 -3.88 20.19 31.80
C GLY D 15 -4.56 19.77 33.09
N THR D 16 -5.86 19.50 33.00
CA THR D 16 -6.64 19.05 34.14
C THR D 16 -6.93 17.57 34.00
N GLN D 17 -6.87 16.84 35.11
CA GLN D 17 -7.13 15.39 35.11
C GLN D 17 -8.60 15.20 34.74
N LYS D 18 -8.84 14.41 33.69
CA LYS D 18 -10.20 14.18 33.22
C LYS D 18 -10.28 12.79 32.57
N ASN D 19 -11.40 12.11 32.75
CA ASN D 19 -11.58 10.79 32.18
C ASN D 19 -12.34 10.88 30.85
N ASP D 20 -12.10 9.91 29.97
CA ASP D 20 -12.77 9.88 28.67
C ASP D 20 -13.94 8.90 28.71
N ARG D 21 -14.46 8.55 27.53
CA ARG D 21 -15.59 7.64 27.43
C ARG D 21 -15.38 6.38 28.27
N THR D 22 -15.80 6.46 29.53
CA THR D 22 -15.67 5.36 30.47
C THR D 22 -14.40 4.55 30.21
N GLY D 23 -13.31 5.25 29.96
CA GLY D 23 -12.06 4.57 29.68
C GLY D 23 -10.83 5.19 30.32
N THR D 24 -9.79 5.37 29.50
CA THR D 24 -8.52 5.92 29.95
C THR D 24 -8.58 7.38 30.37
N GLY D 25 -7.89 7.69 31.47
CA GLY D 25 -7.87 9.06 31.95
C GLY D 25 -7.01 9.92 31.05
N THR D 26 -7.14 11.24 31.16
CA THR D 26 -6.37 12.16 30.35
C THR D 26 -6.08 13.44 31.10
N LEU D 27 -5.16 14.22 30.55
CA LEU D 27 -4.82 15.55 31.07
C LEU D 27 -5.35 16.35 29.88
N SER D 28 -6.19 17.35 30.13
N SER D 28 -6.19 17.35 30.15
CA SER D 28 -6.71 18.11 29.00
CA SER D 28 -6.77 18.11 29.06
C SER D 28 -6.83 19.61 29.26
C SER D 28 -6.85 19.61 29.27
N ILE D 29 -6.77 20.35 28.16
CA ILE D 29 -6.90 21.80 28.18
C ILE D 29 -7.99 22.05 27.13
N PHE D 30 -8.59 23.22 27.18
CA PHE D 30 -9.65 23.55 26.22
C PHE D 30 -9.35 24.86 25.53
N GLY D 31 -9.30 24.81 24.20
CA GLY D 31 -9.01 26.00 23.44
C GLY D 31 -7.54 26.28 23.31
N HIS D 32 -7.01 26.01 22.14
CA HIS D 32 -5.62 26.28 21.85
C HIS D 32 -5.54 26.52 20.36
N GLN D 33 -4.50 27.21 19.92
CA GLN D 33 -4.35 27.51 18.50
C GLN D 33 -2.88 27.58 18.14
N MET D 34 -2.54 26.99 17.01
CA MET D 34 -1.17 26.98 16.51
C MET D 34 -1.19 27.46 15.07
N ARG D 35 -0.08 28.04 14.63
CA ARG D 35 0.01 28.53 13.26
C ARG D 35 1.26 27.98 12.59
N PHE D 36 1.08 27.46 11.38
CA PHE D 36 2.18 26.92 10.59
C PHE D 36 2.29 27.66 9.26
N ASN D 37 3.39 28.39 9.09
CA ASN D 37 3.63 29.10 7.84
C ASN D 37 4.13 28.01 6.90
N LEU D 38 3.28 27.59 5.98
CA LEU D 38 3.63 26.52 5.04
C LEU D 38 4.81 26.89 4.14
N GLN D 39 5.19 28.16 4.18
CA GLN D 39 6.32 28.64 3.38
C GLN D 39 7.62 28.24 4.08
N ASP D 40 7.52 27.92 5.38
CA ASP D 40 8.69 27.52 6.16
C ASP D 40 9.00 26.03 6.07
N GLY D 41 8.16 25.29 5.36
CA GLY D 41 8.36 23.86 5.22
C GLY D 41 7.09 23.11 5.54
N PHE D 42 7.00 21.87 5.06
CA PHE D 42 5.82 21.05 5.30
C PHE D 42 5.82 20.61 6.77
N PRO D 43 4.73 20.89 7.51
CA PRO D 43 4.63 20.53 8.92
C PRO D 43 4.45 19.07 9.27
N LEU D 44 5.49 18.29 9.04
CA LEU D 44 5.46 16.87 9.37
C LEU D 44 6.40 16.73 10.57
N VAL D 45 5.85 16.33 11.70
N VAL D 45 5.84 16.34 11.71
CA VAL D 45 6.62 16.17 12.94
CA VAL D 45 6.64 16.21 12.93
C VAL D 45 7.98 15.48 12.70
C VAL D 45 7.98 15.51 12.68
N THR D 46 9.02 16.03 13.31
CA THR D 46 10.37 15.47 13.16
C THR D 46 10.90 14.86 14.46
N THR D 47 10.24 15.14 15.59
CA THR D 47 10.68 14.61 16.87
C THR D 47 10.29 13.14 17.06
N LYS D 48 9.69 12.59 16.01
CA LYS D 48 9.30 11.18 15.96
C LYS D 48 8.95 10.92 14.51
N ARG D 49 9.28 9.73 14.01
CA ARG D 49 9.00 9.43 12.61
C ARG D 49 7.52 9.22 12.31
N CYS D 50 7.05 9.90 11.26
N CYS D 50 7.05 9.88 11.25
CA CYS D 50 5.65 9.81 10.83
CA CYS D 50 5.67 9.80 10.84
C CYS D 50 5.56 9.39 9.37
C CYS D 50 5.56 9.41 9.36
N HIS D 51 4.62 8.51 9.06
CA HIS D 51 4.42 8.04 7.69
C HIS D 51 3.24 8.74 7.04
N LEU D 52 3.46 9.23 5.80
CA LEU D 52 2.40 9.93 5.08
C LEU D 52 1.55 9.06 4.16
N ARG D 53 1.97 7.82 3.95
N ARG D 53 1.97 7.82 3.96
CA ARG D 53 1.24 6.92 3.07
CA ARG D 53 1.24 6.91 3.08
C ARG D 53 -0.26 6.86 3.36
C ARG D 53 -0.26 6.86 3.37
N SER D 54 -0.62 6.52 4.60
CA SER D 54 -2.05 6.42 4.96
C SER D 54 -2.73 7.79 4.94
N ILE D 55 -1.99 8.83 5.32
CA ILE D 55 -2.53 10.19 5.34
C ILE D 55 -2.94 10.62 3.93
N ILE D 56 -2.06 10.37 2.96
CA ILE D 56 -2.33 10.73 1.57
C ILE D 56 -3.54 9.96 1.03
N HIS D 57 -3.53 8.64 1.22
CA HIS D 57 -4.63 7.84 0.74
C HIS D 57 -5.96 8.27 1.36
N GLU D 58 -5.94 8.55 2.67
CA GLU D 58 -7.17 8.97 3.34
C GLU D 58 -7.71 10.28 2.76
N LEU D 59 -6.82 11.23 2.46
CA LEU D 59 -7.26 12.51 1.90
C LEU D 59 -7.87 12.34 0.52
N LEU D 60 -7.23 11.53 -0.33
CA LEU D 60 -7.75 11.29 -1.67
C LEU D 60 -9.12 10.64 -1.55
N TRP D 61 -9.27 9.78 -0.55
CA TRP D 61 -10.51 9.07 -0.28
C TRP D 61 -11.59 10.07 0.15
N PHE D 62 -11.24 10.97 1.07
CA PHE D 62 -12.19 12.00 1.51
C PHE D 62 -12.69 12.78 0.29
N LEU D 63 -11.76 13.23 -0.54
CA LEU D 63 -12.11 14.04 -1.71
C LEU D 63 -13.02 13.36 -2.71
N GLN D 64 -13.00 12.02 -2.75
CA GLN D 64 -13.86 11.29 -3.66
C GLN D 64 -15.28 11.16 -3.14
N GLY D 65 -15.46 11.43 -1.84
CA GLY D 65 -16.78 11.39 -1.24
C GLY D 65 -17.42 10.04 -0.94
N ASP D 66 -16.77 8.94 -1.31
CA ASP D 66 -17.33 7.62 -1.04
C ASP D 66 -16.83 7.20 0.34
N THR D 67 -17.76 6.88 1.24
CA THR D 67 -17.40 6.49 2.60
C THR D 67 -17.25 5.00 2.86
N ASN D 68 -17.19 4.20 1.81
CA ASN D 68 -17.00 2.77 2.00
C ASN D 68 -15.47 2.63 2.01
N ILE D 69 -14.94 1.76 2.85
CA ILE D 69 -13.49 1.59 2.95
C ILE D 69 -12.83 0.77 1.84
N ALA D 70 -13.59 0.41 0.80
CA ALA D 70 -13.07 -0.37 -0.31
C ALA D 70 -11.78 0.20 -0.90
N TYR D 71 -11.79 1.48 -1.25
CA TYR D 71 -10.59 2.10 -1.82
C TYR D 71 -9.42 2.01 -0.86
N LEU D 72 -9.69 2.19 0.43
CA LEU D 72 -8.62 2.13 1.42
C LEU D 72 -8.06 0.70 1.46
N HIS D 73 -8.95 -0.28 1.46
CA HIS D 73 -8.54 -1.67 1.49
C HIS D 73 -7.75 -2.09 0.25
N GLU D 74 -8.15 -1.58 -0.91
CA GLU D 74 -7.43 -1.90 -2.16
C GLU D 74 -5.97 -1.45 -2.07
N ASN D 75 -5.70 -0.46 -1.22
CA ASN D 75 -4.34 0.05 -1.06
C ASN D 75 -3.76 -0.34 0.29
N ASN D 76 -4.36 -1.33 0.93
CA ASN D 76 -3.93 -1.81 2.23
C ASN D 76 -3.78 -0.71 3.28
N VAL D 77 -4.76 0.18 3.33
CA VAL D 77 -4.79 1.26 4.33
C VAL D 77 -5.87 0.78 5.29
N THR D 78 -5.47 0.50 6.52
CA THR D 78 -6.36 -0.06 7.51
C THR D 78 -6.85 0.82 8.66
N ILE D 79 -6.54 2.11 8.61
CA ILE D 79 -6.90 3.03 9.69
C ILE D 79 -8.38 3.21 10.01
N TRP D 80 -9.27 2.83 9.08
CA TRP D 80 -10.70 2.96 9.35
C TRP D 80 -11.36 1.60 9.58
N ASP D 81 -10.58 0.54 9.56
CA ASP D 81 -11.11 -0.81 9.74
C ASP D 81 -11.92 -1.03 11.01
N GLU D 82 -11.44 -0.53 12.14
CA GLU D 82 -12.15 -0.74 13.39
C GLU D 82 -13.53 -0.08 13.47
N TRP D 83 -13.80 0.85 12.56
CA TRP D 83 -15.08 1.54 12.57
C TRP D 83 -16.07 1.10 11.49
N ALA D 84 -15.57 0.41 10.47
CA ALA D 84 -16.42 -0.04 9.38
C ALA D 84 -17.20 -1.30 9.72
N ASP D 85 -18.41 -1.41 9.17
CA ASP D 85 -19.23 -2.59 9.41
C ASP D 85 -18.84 -3.72 8.45
N GLU D 86 -19.60 -4.81 8.50
CA GLU D 86 -19.34 -5.97 7.66
C GLU D 86 -19.27 -5.64 6.17
N ASN D 87 -19.99 -4.60 5.76
CA ASN D 87 -19.99 -4.21 4.35
C ASN D 87 -18.89 -3.19 4.03
N GLY D 88 -18.20 -2.72 5.06
CA GLY D 88 -17.14 -1.75 4.85
C GLY D 88 -17.63 -0.32 4.85
N ASP D 89 -18.87 -0.12 5.29
CA ASP D 89 -19.47 1.22 5.35
C ASP D 89 -19.28 1.89 6.69
N LEU D 90 -19.15 3.22 6.66
CA LEU D 90 -18.95 4.02 7.85
C LEU D 90 -20.07 4.99 8.08
N GLY D 91 -21.07 4.98 7.22
CA GLY D 91 -22.14 5.94 7.37
C GLY D 91 -21.66 7.22 6.71
N PRO D 92 -22.44 8.30 6.80
CA PRO D 92 -22.12 9.61 6.20
C PRO D 92 -21.03 10.45 6.87
N VAL D 93 -19.85 9.87 7.02
CA VAL D 93 -18.74 10.59 7.65
C VAL D 93 -18.10 11.60 6.68
N TYR D 94 -17.00 12.20 7.13
CA TYR D 94 -16.27 13.23 6.38
C TYR D 94 -16.55 13.38 4.90
N GLY D 95 -16.04 12.44 4.11
CA GLY D 95 -16.20 12.49 2.68
C GLY D 95 -17.59 12.77 2.15
N LYS D 96 -18.59 12.14 2.73
N LYS D 96 -18.59 12.14 2.74
CA LYS D 96 -19.95 12.36 2.27
CA LYS D 96 -19.96 12.34 2.30
C LYS D 96 -20.42 13.79 2.54
C LYS D 96 -20.45 13.75 2.57
N GLN D 97 -20.03 14.33 3.69
CA GLN D 97 -20.44 15.69 4.01
C GLN D 97 -19.69 16.69 3.13
N TRP D 98 -18.41 16.41 2.90
CA TRP D 98 -17.57 17.28 2.05
C TRP D 98 -18.08 17.40 0.61
N ARG D 99 -18.52 16.27 0.07
CA ARG D 99 -18.94 16.21 -1.33
C ARG D 99 -20.43 16.09 -1.61
N ALA D 100 -21.21 15.69 -0.61
CA ALA D 100 -22.64 15.47 -0.82
C ALA D 100 -23.50 15.67 0.41
N TRP D 101 -23.32 16.82 1.06
CA TRP D 101 -24.10 17.15 2.25
C TRP D 101 -25.57 17.12 1.86
N PRO D 102 -26.38 16.27 2.51
CA PRO D 102 -27.80 16.21 2.17
C PRO D 102 -28.62 17.37 2.72
N THR D 103 -29.45 17.96 1.87
CA THR D 103 -30.29 19.08 2.29
C THR D 103 -31.68 18.56 2.61
N PRO D 104 -32.50 19.36 3.30
CA PRO D 104 -33.84 18.91 3.64
C PRO D 104 -34.71 18.66 2.39
N ASP D 105 -34.40 19.35 1.29
CA ASP D 105 -35.19 19.20 0.07
C ASP D 105 -34.71 18.14 -0.93
N GLY D 106 -33.78 17.29 -0.50
CA GLY D 106 -33.32 16.22 -1.38
C GLY D 106 -32.07 16.42 -2.20
N ARG D 107 -31.44 17.59 -2.09
CA ARG D 107 -30.23 17.87 -2.85
C ARG D 107 -28.99 17.42 -2.09
N HIS D 108 -27.87 17.35 -2.79
CA HIS D 108 -26.60 16.97 -2.18
C HIS D 108 -25.59 18.02 -2.58
N ILE D 109 -25.08 18.72 -1.56
CA ILE D 109 -24.16 19.81 -1.77
C ILE D 109 -22.68 19.46 -1.76
N ASP D 110 -22.03 19.77 -2.86
CA ASP D 110 -20.60 19.53 -3.03
C ASP D 110 -19.87 20.75 -2.48
N GLN D 111 -19.44 20.68 -1.21
CA GLN D 111 -18.75 21.82 -0.61
C GLN D 111 -17.35 22.05 -1.15
N ILE D 112 -16.68 20.99 -1.60
CA ILE D 112 -15.34 21.15 -2.12
C ILE D 112 -15.40 21.94 -3.42
N THR D 113 -16.30 21.57 -4.33
CA THR D 113 -16.42 22.31 -5.57
C THR D 113 -16.85 23.74 -5.26
N THR D 114 -17.76 23.90 -4.30
CA THR D 114 -18.23 25.23 -3.92
C THR D 114 -17.05 26.11 -3.49
N VAL D 115 -16.18 25.58 -2.63
CA VAL D 115 -15.02 26.32 -2.17
C VAL D 115 -14.09 26.70 -3.33
N LEU D 116 -13.86 25.76 -4.24
CA LEU D 116 -13.00 26.05 -5.38
C LEU D 116 -13.62 27.15 -6.24
N ASN D 117 -14.95 27.13 -6.37
CA ASN D 117 -15.65 28.16 -7.15
C ASN D 117 -15.43 29.51 -6.48
N GLN D 118 -15.51 29.53 -5.15
CA GLN D 118 -15.33 30.76 -4.39
C GLN D 118 -13.92 31.32 -4.51
N LEU D 119 -12.92 30.43 -4.42
CA LEU D 119 -11.54 30.86 -4.51
C LEU D 119 -11.20 31.41 -5.89
N LYS D 120 -11.88 30.91 -6.91
CA LYS D 120 -11.63 31.35 -8.27
C LYS D 120 -12.40 32.62 -8.65
N ASN D 121 -13.61 32.77 -8.13
CA ASN D 121 -14.41 33.94 -8.46
C ASN D 121 -14.63 34.97 -7.36
N ASP D 122 -14.42 34.59 -6.11
CA ASP D 122 -14.63 35.51 -4.99
C ASP D 122 -13.66 35.19 -3.85
N PRO D 123 -12.34 35.26 -4.13
CA PRO D 123 -11.30 34.96 -3.15
C PRO D 123 -11.32 35.74 -1.83
N ASP D 124 -11.94 36.91 -1.82
CA ASP D 124 -11.99 37.68 -0.58
C ASP D 124 -13.22 37.33 0.26
N SER D 125 -13.98 36.33 -0.16
CA SER D 125 -15.16 35.92 0.59
C SER D 125 -14.79 35.55 2.01
N ARG D 126 -15.67 35.88 2.95
CA ARG D 126 -15.43 35.56 4.35
C ARG D 126 -16.21 34.31 4.74
N ARG D 127 -16.66 33.56 3.74
CA ARG D 127 -17.42 32.36 4.01
C ARG D 127 -17.02 31.17 3.13
N ILE D 128 -15.71 31.03 2.88
CA ILE D 128 -15.21 29.91 2.09
C ILE D 128 -14.99 28.84 3.14
N ILE D 129 -16.07 28.10 3.40
CA ILE D 129 -16.10 27.11 4.47
C ILE D 129 -16.55 25.72 4.05
N VAL D 130 -16.02 24.71 4.75
CA VAL D 130 -16.42 23.34 4.54
C VAL D 130 -16.74 22.81 5.94
N SER D 131 -17.94 22.30 6.12
CA SER D 131 -18.30 21.74 7.41
C SER D 131 -18.71 20.28 7.28
N ALA D 132 -18.24 19.45 8.22
CA ALA D 132 -18.59 18.04 8.25
C ALA D 132 -19.57 17.84 9.41
N TRP D 133 -19.82 18.91 10.17
CA TRP D 133 -20.71 18.79 11.32
C TRP D 133 -22.18 18.89 10.93
N ASN D 134 -22.66 17.81 10.35
CA ASN D 134 -24.06 17.75 9.91
C ASN D 134 -24.85 17.14 11.06
N VAL D 135 -25.42 18.02 11.87
CA VAL D 135 -26.21 17.62 13.04
C VAL D 135 -27.23 16.53 12.76
N GLY D 136 -27.93 16.65 11.63
CA GLY D 136 -28.96 15.69 11.28
C GLY D 136 -28.49 14.33 10.83
N GLU D 137 -27.18 14.15 10.67
CA GLU D 137 -26.65 12.86 10.24
C GLU D 137 -25.66 12.24 11.23
N LEU D 138 -25.40 12.93 12.34
CA LEU D 138 -24.46 12.44 13.36
C LEU D 138 -24.77 11.01 13.82
N ASP D 139 -26.04 10.73 14.08
CA ASP D 139 -26.44 9.41 14.55
C ASP D 139 -26.20 8.28 13.55
N LYS D 140 -26.03 8.61 12.29
CA LYS D 140 -25.80 7.60 11.25
C LYS D 140 -24.31 7.35 11.02
N MET D 141 -23.47 8.26 11.52
CA MET D 141 -22.02 8.15 11.36
C MET D 141 -21.38 7.15 12.32
N ALA D 142 -20.33 6.46 11.86
CA ALA D 142 -19.63 5.49 12.69
C ALA D 142 -19.01 6.27 13.85
N LEU D 143 -18.64 7.52 13.57
CA LEU D 143 -18.04 8.39 14.58
C LEU D 143 -18.30 9.85 14.20
N ALA D 144 -18.51 10.70 15.21
CA ALA D 144 -18.75 12.12 14.98
C ALA D 144 -17.47 12.76 14.50
N PRO D 145 -17.55 13.65 13.50
CA PRO D 145 -16.38 14.33 12.96
C PRO D 145 -15.51 14.99 14.02
N CYS D 146 -14.19 14.73 13.96
N CYS D 146 -14.21 14.72 13.94
CA CYS D 146 -13.25 15.32 14.91
CA CYS D 146 -13.25 15.29 14.88
C CYS D 146 -12.74 16.62 14.30
C CYS D 146 -12.80 16.62 14.27
N HIS D 147 -12.30 16.57 13.04
CA HIS D 147 -11.88 17.79 12.35
C HIS D 147 -13.24 18.13 11.75
N ALA D 148 -13.94 19.00 12.46
CA ALA D 148 -15.31 19.35 12.14
C ALA D 148 -15.63 20.39 11.09
N PHE D 149 -14.76 21.38 10.96
N PHE D 149 -14.74 21.33 10.89
CA PHE D 149 -15.05 22.53 10.10
CA PHE D 149 -14.97 22.31 9.84
C PHE D 149 -13.77 23.31 9.74
C PHE D 149 -13.71 23.11 9.63
N PHE D 150 -13.62 23.70 8.47
CA PHE D 150 -12.45 24.48 8.10
C PHE D 150 -12.81 25.63 7.19
N GLN D 151 -12.00 26.67 7.25
CA GLN D 151 -12.24 27.88 6.47
C GLN D 151 -10.98 28.32 5.74
N PHE D 152 -11.15 28.77 4.50
CA PHE D 152 -10.03 29.23 3.70
C PHE D 152 -9.99 30.75 3.66
N TYR D 153 -8.82 31.29 3.35
CA TYR D 153 -8.62 32.73 3.32
C TYR D 153 -7.52 33.02 2.32
N VAL D 154 -7.66 34.12 1.56
CA VAL D 154 -6.66 34.48 0.58
C VAL D 154 -6.19 35.92 0.79
N ALA D 155 -4.87 36.09 0.87
CA ALA D 155 -4.27 37.41 1.04
C ALA D 155 -2.87 37.41 0.41
N ASP D 156 -2.60 38.45 -0.38
CA ASP D 156 -1.31 38.60 -1.04
C ASP D 156 -0.91 37.37 -1.84
N GLY D 157 -1.87 36.82 -2.58
CA GLY D 157 -1.60 35.66 -3.41
C GLY D 157 -1.33 34.36 -2.66
N LYS D 158 -1.64 34.33 -1.38
CA LYS D 158 -1.42 33.13 -0.57
C LYS D 158 -2.71 32.57 0.01
N LEU D 159 -2.83 31.25 -0.01
CA LEU D 159 -4.00 30.55 0.50
C LEU D 159 -3.75 30.04 1.91
N SER D 160 -4.61 30.44 2.85
CA SER D 160 -4.50 29.98 4.22
C SER D 160 -5.73 29.16 4.55
N CYS D 161 -5.66 28.39 5.63
CA CYS D 161 -6.78 27.56 6.05
C CYS D 161 -6.77 27.39 7.56
N GLN D 162 -7.94 27.48 8.17
CA GLN D 162 -8.03 27.28 9.61
C GLN D 162 -8.98 26.12 9.84
N LEU D 163 -8.52 25.18 10.66
CA LEU D 163 -9.31 24.00 11.00
C LEU D 163 -9.73 24.03 12.45
N TYR D 164 -10.98 23.64 12.71
CA TYR D 164 -11.46 23.55 14.09
C TYR D 164 -11.57 22.06 14.40
N GLN D 165 -10.78 21.60 15.36
CA GLN D 165 -10.77 20.20 15.78
C GLN D 165 -11.43 20.15 17.15
N ARG D 166 -12.62 19.57 17.25
CA ARG D 166 -13.34 19.52 18.52
C ARG D 166 -12.68 18.69 19.61
N SER D 167 -11.95 17.66 19.20
CA SER D 167 -11.30 16.75 20.15
C SER D 167 -9.97 16.32 19.55
N CYS D 168 -8.93 16.29 20.37
CA CYS D 168 -7.64 15.92 19.84
C CYS D 168 -6.69 15.20 20.79
N ASP D 169 -6.25 14.01 20.38
CA ASP D 169 -5.27 13.23 21.13
C ASP D 169 -3.97 13.87 20.63
N VAL D 170 -3.33 14.68 21.46
CA VAL D 170 -2.10 15.37 21.05
C VAL D 170 -0.96 14.47 20.59
N PHE D 171 -0.79 13.33 21.23
CA PHE D 171 0.31 12.45 20.87
C PHE D 171 0.08 11.60 19.64
N LEU D 172 -1.05 10.89 19.60
CA LEU D 172 -1.33 10.01 18.48
C LEU D 172 -1.96 10.66 17.25
N GLY D 173 -3.03 11.42 17.45
CA GLY D 173 -3.69 12.01 16.30
C GLY D 173 -3.22 13.31 15.70
N LEU D 174 -2.79 14.26 16.54
CA LEU D 174 -2.40 15.57 16.04
C LEU D 174 -1.40 15.63 14.89
N PRO D 175 -0.28 14.89 14.97
CA PRO D 175 0.69 14.95 13.86
C PRO D 175 0.05 14.59 12.52
N PHE D 176 -0.81 13.58 12.57
CA PHE D 176 -1.52 13.06 11.40
C PHE D 176 -2.44 14.13 10.84
N ASN D 177 -3.21 14.73 11.74
N ASN D 177 -3.23 14.74 11.73
CA ASN D 177 -4.18 15.77 11.40
CA ASN D 177 -4.18 15.77 11.36
C ASN D 177 -3.53 16.99 10.73
C ASN D 177 -3.52 16.99 10.71
N ILE D 178 -2.43 17.45 11.30
CA ILE D 178 -1.72 18.61 10.76
C ILE D 178 -1.22 18.32 9.34
N ALA D 179 -0.60 17.16 9.16
CA ALA D 179 -0.09 16.79 7.83
C ALA D 179 -1.22 16.67 6.81
N SER D 180 -2.33 16.09 7.21
CA SER D 180 -3.46 15.90 6.32
C SER D 180 -3.94 17.24 5.74
N TYR D 181 -4.22 18.20 6.62
CA TYR D 181 -4.70 19.49 6.16
C TYR D 181 -3.66 20.31 5.44
N ALA D 182 -2.40 20.19 5.84
CA ALA D 182 -1.33 20.93 5.16
C ALA D 182 -1.28 20.46 3.71
N LEU D 183 -1.48 19.15 3.52
CA LEU D 183 -1.48 18.58 2.18
C LEU D 183 -2.67 19.14 1.37
N LEU D 184 -3.83 19.23 2.00
CA LEU D 184 -4.99 19.75 1.31
C LEU D 184 -4.77 21.21 0.89
N VAL D 185 -4.13 22.00 1.74
CA VAL D 185 -3.87 23.40 1.40
C VAL D 185 -2.98 23.48 0.17
N HIS D 186 -1.94 22.64 0.12
CA HIS D 186 -1.04 22.62 -1.02
C HIS D 186 -1.77 22.26 -2.32
N MET D 187 -2.68 21.29 -2.23
CA MET D 187 -3.46 20.85 -3.38
C MET D 187 -4.43 21.93 -3.85
N MET D 188 -5.12 22.55 -2.90
CA MET D 188 -6.06 23.62 -3.22
C MET D 188 -5.30 24.80 -3.82
N ALA D 189 -4.16 25.13 -3.24
CA ALA D 189 -3.34 26.24 -3.73
C ALA D 189 -2.85 25.97 -5.15
N GLN D 190 -2.40 24.74 -5.41
CA GLN D 190 -1.92 24.41 -6.74
C GLN D 190 -3.04 24.56 -7.77
N GLN D 191 -4.23 24.10 -7.42
CA GLN D 191 -5.38 24.18 -8.31
C GLN D 191 -5.82 25.61 -8.60
N CYS D 192 -5.60 26.51 -7.63
CA CYS D 192 -6.01 27.91 -7.79
C CYS D 192 -4.85 28.84 -8.19
N ASP D 193 -3.69 28.26 -8.47
CA ASP D 193 -2.53 29.06 -8.84
C ASP D 193 -2.17 30.08 -7.78
N LEU D 194 -2.18 29.63 -6.53
CA LEU D 194 -1.85 30.49 -5.40
C LEU D 194 -0.67 29.89 -4.66
N GLU D 195 0.03 30.71 -3.88
CA GLU D 195 1.15 30.21 -3.08
C GLU D 195 0.50 29.75 -1.77
N VAL D 196 1.22 28.95 -1.00
CA VAL D 196 0.66 28.49 0.26
C VAL D 196 0.89 29.52 1.36
N GLY D 197 -0.13 29.70 2.20
CA GLY D 197 -0.03 30.64 3.29
C GLY D 197 0.16 29.93 4.62
N ASP D 198 -0.74 30.19 5.56
CA ASP D 198 -0.66 29.57 6.88
C ASP D 198 -1.73 28.52 7.09
N PHE D 199 -1.39 27.49 7.85
CA PHE D 199 -2.40 26.52 8.24
C PHE D 199 -2.58 26.85 9.71
N VAL D 200 -3.79 27.19 10.11
CA VAL D 200 -4.06 27.53 11.49
C VAL D 200 -4.86 26.40 12.11
N TRP D 201 -4.32 25.82 13.18
CA TRP D 201 -4.97 24.71 13.87
C TRP D 201 -5.60 25.21 15.17
N THR D 202 -6.90 25.00 15.32
CA THR D 202 -7.60 25.42 16.52
C THR D 202 -8.23 24.19 17.14
N GLY D 203 -7.97 23.99 18.43
CA GLY D 203 -8.52 22.82 19.09
C GLY D 203 -9.51 23.10 20.19
N GLY D 204 -10.38 22.12 20.41
CA GLY D 204 -11.35 22.18 21.48
C GLY D 204 -10.74 21.42 22.64
N ASP D 205 -11.26 20.22 22.93
CA ASP D 205 -10.72 19.41 24.01
C ASP D 205 -9.42 18.77 23.52
N THR D 206 -8.31 19.34 23.96
CA THR D 206 -6.97 18.91 23.55
C THR D 206 -6.36 18.14 24.71
N HIS D 207 -6.04 16.87 24.49
CA HIS D 207 -5.57 16.04 25.58
C HIS D 207 -4.44 15.05 25.32
N LEU D 208 -3.91 14.53 26.42
CA LEU D 208 -2.87 13.51 26.41
C LEU D 208 -3.39 12.38 27.29
N TYR D 209 -3.35 11.15 26.80
CA TYR D 209 -3.81 10.03 27.59
C TYR D 209 -2.79 9.67 28.65
N SER D 210 -3.27 9.25 29.82
CA SER D 210 -2.41 8.90 30.94
C SER D 210 -1.37 7.83 30.62
N ASN D 211 -1.68 6.94 29.67
CA ASN D 211 -0.73 5.88 29.35
C ASN D 211 0.24 6.28 28.23
N HIS D 212 0.31 7.58 27.93
CA HIS D 212 1.22 8.09 26.91
C HIS D 212 2.21 9.07 27.55
N MET D 213 2.21 9.14 28.87
CA MET D 213 3.09 10.08 29.58
C MET D 213 4.59 9.88 29.35
N ASP D 214 5.06 8.64 29.40
CA ASP D 214 6.48 8.37 29.19
C ASP D 214 6.87 8.73 27.75
N GLN D 215 5.99 8.41 26.81
CA GLN D 215 6.22 8.70 25.40
C GLN D 215 6.32 10.21 25.17
N THR D 216 5.48 10.96 25.88
CA THR D 216 5.46 12.41 25.76
C THR D 216 6.76 13.01 26.27
N HIS D 217 7.20 12.57 27.44
CA HIS D 217 8.44 13.05 28.03
C HIS D 217 9.61 12.76 27.10
N LEU D 218 9.60 11.59 26.47
CA LEU D 218 10.66 11.21 25.54
C LEU D 218 10.70 12.12 24.32
N GLN D 219 9.54 12.40 23.73
CA GLN D 219 9.51 13.25 22.56
C GLN D 219 9.91 14.68 22.91
N LEU D 220 9.53 15.13 24.11
CA LEU D 220 9.85 16.49 24.56
C LEU D 220 11.34 16.66 24.84
N SER D 221 12.08 15.56 24.91
CA SER D 221 13.51 15.62 25.18
C SER D 221 14.28 15.73 23.87
N ARG D 222 13.56 15.64 22.76
CA ARG D 222 14.18 15.71 21.44
C ARG D 222 14.07 17.09 20.81
N GLU D 223 15.12 17.48 20.09
CA GLU D 223 15.16 18.77 19.42
C GLU D 223 14.56 18.67 18.02
N PRO D 224 13.59 19.54 17.71
CA PRO D 224 13.00 19.48 16.36
C PRO D 224 14.05 19.77 15.30
N ARG D 225 13.89 19.16 14.13
CA ARG D 225 14.82 19.35 13.04
C ARG D 225 14.17 20.12 11.90
N PRO D 226 14.97 20.64 10.97
CA PRO D 226 14.39 21.40 9.85
C PRO D 226 13.26 20.63 9.18
N LEU D 227 12.18 21.33 8.87
CA LEU D 227 11.03 20.71 8.23
C LEU D 227 11.31 20.32 6.78
N PRO D 228 10.69 19.22 6.32
CA PRO D 228 10.90 18.76 4.95
C PRO D 228 10.16 19.66 3.96
N LYS D 229 10.26 19.31 2.69
CA LYS D 229 9.60 20.08 1.64
C LYS D 229 8.66 19.17 0.86
N LEU D 230 7.43 19.63 0.67
CA LEU D 230 6.45 18.85 -0.08
C LEU D 230 6.59 19.16 -1.56
N ILE D 231 6.65 18.10 -2.37
CA ILE D 231 6.76 18.25 -3.81
C ILE D 231 5.57 17.58 -4.49
N ILE D 232 4.92 18.32 -5.39
CA ILE D 232 3.81 17.78 -6.15
C ILE D 232 4.36 17.69 -7.57
N LYS D 233 4.57 16.45 -8.02
CA LYS D 233 5.16 16.15 -9.32
C LYS D 233 4.31 16.42 -10.55
N ARG D 234 3.03 16.68 -10.36
CA ARG D 234 2.13 16.91 -11.48
C ARG D 234 1.00 17.86 -11.09
N LYS D 235 0.46 18.57 -12.06
CA LYS D 235 -0.65 19.48 -11.80
C LYS D 235 -1.88 18.88 -12.45
N PRO D 236 -2.70 18.16 -11.66
CA PRO D 236 -3.93 17.52 -12.15
C PRO D 236 -4.91 18.54 -12.71
N GLU D 237 -5.84 18.05 -13.53
CA GLU D 237 -6.85 18.89 -14.16
C GLU D 237 -7.86 19.43 -13.14
N SER D 238 -7.93 18.78 -11.98
CA SER D 238 -8.84 19.21 -10.94
C SER D 238 -8.46 18.61 -9.59
N ILE D 239 -9.08 19.14 -8.55
CA ILE D 239 -8.85 18.70 -7.18
C ILE D 239 -9.21 17.23 -6.96
N PHE D 240 -10.00 16.67 -7.88
CA PHE D 240 -10.43 15.29 -7.75
C PHE D 240 -9.59 14.31 -8.56
N ASP D 241 -8.57 14.82 -9.26
CA ASP D 241 -7.73 13.97 -10.09
C ASP D 241 -6.31 13.70 -9.58
N TYR D 242 -6.06 13.97 -8.31
CA TYR D 242 -4.73 13.71 -7.76
C TYR D 242 -4.56 12.22 -7.55
N ARG D 243 -3.32 11.76 -7.56
CA ARG D 243 -3.02 10.35 -7.37
C ARG D 243 -1.93 10.21 -6.32
N PHE D 244 -1.90 9.06 -5.65
CA PHE D 244 -0.93 8.83 -4.60
C PHE D 244 0.50 9.18 -5.02
N GLU D 245 0.90 8.76 -6.22
CA GLU D 245 2.25 9.02 -6.70
C GLU D 245 2.60 10.47 -7.03
N ASP D 246 1.62 11.37 -6.95
CA ASP D 246 1.89 12.77 -7.26
C ASP D 246 2.65 13.48 -6.14
N PHE D 247 2.66 12.87 -4.96
CA PHE D 247 3.30 13.48 -3.80
C PHE D 247 4.64 12.90 -3.40
N GLU D 248 5.55 13.77 -2.99
CA GLU D 248 6.87 13.36 -2.54
C GLU D 248 7.36 14.30 -1.46
N ILE D 249 7.95 13.75 -0.42
CA ILE D 249 8.50 14.54 0.67
C ILE D 249 10.00 14.53 0.55
N GLU D 250 10.59 15.73 0.54
CA GLU D 250 12.02 15.87 0.41
C GLU D 250 12.67 16.45 1.66
N GLY D 251 13.79 15.88 2.06
CA GLY D 251 14.50 16.37 3.23
C GLY D 251 13.91 16.03 4.58
N TYR D 252 13.18 14.93 4.67
CA TYR D 252 12.58 14.52 5.95
C TYR D 252 13.58 13.63 6.71
N ASP D 253 14.05 14.12 7.84
CA ASP D 253 15.01 13.42 8.69
C ASP D 253 14.56 13.47 10.14
N PRO D 254 13.52 12.68 10.50
CA PRO D 254 12.99 12.65 11.86
C PRO D 254 13.74 11.75 12.84
N HIS D 255 13.39 11.91 14.12
CA HIS D 255 13.95 11.10 15.18
C HIS D 255 13.18 9.79 15.06
N PRO D 256 13.61 8.74 15.78
CA PRO D 256 12.91 7.45 15.70
C PRO D 256 11.43 7.50 16.08
N GLY D 257 10.64 6.64 15.45
CA GLY D 257 9.22 6.59 15.76
C GLY D 257 9.01 6.19 17.20
N ILE D 258 7.86 6.55 17.75
CA ILE D 258 7.53 6.22 19.14
C ILE D 258 6.17 5.54 19.16
N LYS D 259 6.13 4.33 19.67
CA LYS D 259 4.88 3.59 19.74
C LYS D 259 4.04 4.06 20.93
N ALA D 260 2.74 4.22 20.69
CA ALA D 260 1.81 4.65 21.74
C ALA D 260 0.57 3.76 21.67
N PRO D 261 0.47 2.80 22.60
CA PRO D 261 -0.66 1.86 22.64
C PRO D 261 -1.96 2.49 23.15
N VAL D 262 -3.07 1.84 22.83
CA VAL D 262 -4.37 2.33 23.27
C VAL D 262 -5.12 1.22 23.98
N ALA D 263 -5.99 1.59 24.92
CA ALA D 263 -6.79 0.61 25.64
C ALA D 263 -8.02 0.32 24.79
N ILE D 264 -8.68 -0.80 25.05
CA ILE D 264 -9.89 -1.14 24.29
C ILE D 264 -11.09 -1.24 25.24
#